data_1ZX6
# 
_entry.id   1ZX6 
# 
_audit_conform.dict_name       mmcif_pdbx.dic 
_audit_conform.dict_version    5.376 
_audit_conform.dict_location   http://mmcif.pdb.org/dictionaries/ascii/mmcif_pdbx.dic 
# 
loop_
_database_2.database_id 
_database_2.database_code 
_database_2.pdbx_database_accession 
_database_2.pdbx_DOI 
PDB   1ZX6         pdb_00001zx6 10.2210/pdb1zx6/pdb 
RCSB  RCSB033222   ?            ?                   
WWPDB D_1000033222 ?            ?                   
# 
_pdbx_database_related.db_name        PDB 
_pdbx_database_related.db_id          1YNZ 
_pdbx_database_related.details        . 
_pdbx_database_related.content_type   unspecified 
# 
_pdbx_database_status.status_code                     REL 
_pdbx_database_status.entry_id                        1ZX6 
_pdbx_database_status.recvd_initial_deposition_date   2005-06-07 
_pdbx_database_status.deposit_site                    RCSB 
_pdbx_database_status.process_site                    RCSB 
_pdbx_database_status.status_code_sf                  REL 
_pdbx_database_status.status_code_mr                  ? 
_pdbx_database_status.SG_entry                        ? 
_pdbx_database_status.pdb_format_compatible           Y 
_pdbx_database_status.status_code_cs                  ? 
_pdbx_database_status.status_code_nmr_data            ? 
_pdbx_database_status.methods_development_category    ? 
# 
loop_
_audit_author.name 
_audit_author.pdbx_ordinal 
'Kursula, P.'  1 
'Kursula, I.'  2 
'Lehmann, F.'  3 
'Zou, P.'      4 
'Song, Y.H.'   5 
'Wilmanns, M.' 6 
# 
_citation.id                        primary 
_citation.title                     'Structural genomics of yeast SH3 domains' 
_citation.journal_abbrev            'To be Published' 
_citation.journal_volume            ? 
_citation.page_first                ? 
_citation.page_last                 ? 
_citation.year                      ? 
_citation.journal_id_ASTM           ? 
_citation.country                   ? 
_citation.journal_id_ISSN           ? 
_citation.journal_id_CSD            0353 
_citation.book_publisher            ? 
_citation.pdbx_database_id_PubMed   ? 
_citation.pdbx_database_id_DOI      ? 
# 
loop_
_citation_author.citation_id 
_citation_author.name 
_citation_author.ordinal 
_citation_author.identifier_ORCID 
primary 'Kursula, P.'  1 ? 
primary 'Kursula, I.'  2 ? 
primary 'Lehmann, F.'  3 ? 
primary 'Zou, P.'      4 ? 
primary 'Song, Y.H.'   5 ? 
primary 'Wilmanns, M.' 6 ? 
# 
_cell.entry_id           1ZX6 
_cell.length_a           89.040 
_cell.length_b           27.360 
_cell.length_c           24.000 
_cell.angle_alpha        90.00 
_cell.angle_beta         102.87 
_cell.angle_gamma        90.00 
_cell.Z_PDB              4 
_cell.pdbx_unique_axis   ? 
_cell.length_a_esd       ? 
_cell.length_b_esd       ? 
_cell.length_c_esd       ? 
_cell.angle_alpha_esd    ? 
_cell.angle_beta_esd     ? 
_cell.angle_gamma_esd    ? 
# 
_symmetry.entry_id                         1ZX6 
_symmetry.space_group_name_H-M             'C 1 2 1' 
_symmetry.pdbx_full_space_group_name_H-M   ? 
_symmetry.cell_setting                     ? 
_symmetry.Int_Tables_number                5 
_symmetry.space_group_name_Hall            ? 
# 
loop_
_entity.id 
_entity.type 
_entity.src_method 
_entity.pdbx_description 
_entity.formula_weight 
_entity.pdbx_number_of_molecules 
_entity.pdbx_ec 
_entity.pdbx_mutation 
_entity.pdbx_fragment 
_entity.details 
1 polymer man Ypr154wp 6516.325 1  ? ? 'SH3 domain' ? 
2 water   nat water    18.015   59 ? ? ?            ? 
# 
_entity_poly.entity_id                      1 
_entity_poly.type                           'polypeptide(L)' 
_entity_poly.nstd_linkage                   no 
_entity_poly.nstd_monomer                   no 
_entity_poly.pdbx_seq_one_letter_code       GMEYVEALYQFDPQQDGDLGLKPGDKVQLLEKLSPEWYKGSCNGRTGIFPANYVKPAF 
_entity_poly.pdbx_seq_one_letter_code_can   GMEYVEALYQFDPQQDGDLGLKPGDKVQLLEKLSPEWYKGSCNGRTGIFPANYVKPAF 
_entity_poly.pdbx_strand_id                 A 
_entity_poly.pdbx_target_identifier         ? 
# 
loop_
_entity_poly_seq.entity_id 
_entity_poly_seq.num 
_entity_poly_seq.mon_id 
_entity_poly_seq.hetero 
1 1  GLY n 
1 2  MET n 
1 3  GLU n 
1 4  TYR n 
1 5  VAL n 
1 6  GLU n 
1 7  ALA n 
1 8  LEU n 
1 9  TYR n 
1 10 GLN n 
1 11 PHE n 
1 12 ASP n 
1 13 PRO n 
1 14 GLN n 
1 15 GLN n 
1 16 ASP n 
1 17 GLY n 
1 18 ASP n 
1 19 LEU n 
1 20 GLY n 
1 21 LEU n 
1 22 LYS n 
1 23 PRO n 
1 24 GLY n 
1 25 ASP n 
1 26 LYS n 
1 27 VAL n 
1 28 GLN n 
1 29 LEU n 
1 30 LEU n 
1 31 GLU n 
1 32 LYS n 
1 33 LEU n 
1 34 SER n 
1 35 PRO n 
1 36 GLU n 
1 37 TRP n 
1 38 TYR n 
1 39 LYS n 
1 40 GLY n 
1 41 SER n 
1 42 CYS n 
1 43 ASN n 
1 44 GLY n 
1 45 ARG n 
1 46 THR n 
1 47 GLY n 
1 48 ILE n 
1 49 PHE n 
1 50 PRO n 
1 51 ALA n 
1 52 ASN n 
1 53 TYR n 
1 54 VAL n 
1 55 LYS n 
1 56 PRO n 
1 57 ALA n 
1 58 PHE n 
# 
_entity_src_gen.entity_id                          1 
_entity_src_gen.pdbx_src_id                        1 
_entity_src_gen.pdbx_alt_source_flag               sample 
_entity_src_gen.pdbx_seq_type                      ? 
_entity_src_gen.pdbx_beg_seq_num                   ? 
_entity_src_gen.pdbx_end_seq_num                   ? 
_entity_src_gen.gene_src_common_name               
;baker's yeast
;
_entity_src_gen.gene_src_genus                     Saccharomyces 
_entity_src_gen.pdbx_gene_src_gene                 ? 
_entity_src_gen.gene_src_species                   ? 
_entity_src_gen.gene_src_strain                    ? 
_entity_src_gen.gene_src_tissue                    ? 
_entity_src_gen.gene_src_tissue_fraction           ? 
_entity_src_gen.gene_src_details                   ? 
_entity_src_gen.pdbx_gene_src_fragment             ? 
_entity_src_gen.pdbx_gene_src_scientific_name      'Saccharomyces cerevisiae' 
_entity_src_gen.pdbx_gene_src_ncbi_taxonomy_id     4932 
_entity_src_gen.pdbx_gene_src_variant              ? 
_entity_src_gen.pdbx_gene_src_cell_line            ? 
_entity_src_gen.pdbx_gene_src_atcc                 ? 
_entity_src_gen.pdbx_gene_src_organ                ? 
_entity_src_gen.pdbx_gene_src_organelle            ? 
_entity_src_gen.pdbx_gene_src_cell                 ? 
_entity_src_gen.pdbx_gene_src_cellular_location    ? 
_entity_src_gen.host_org_common_name               ? 
_entity_src_gen.pdbx_host_org_scientific_name      'Escherichia coli' 
_entity_src_gen.pdbx_host_org_ncbi_taxonomy_id     562 
_entity_src_gen.host_org_genus                     Escherichia 
_entity_src_gen.pdbx_host_org_gene                 ? 
_entity_src_gen.pdbx_host_org_organ                ? 
_entity_src_gen.host_org_species                   ? 
_entity_src_gen.pdbx_host_org_tissue               ? 
_entity_src_gen.pdbx_host_org_tissue_fraction      ? 
_entity_src_gen.pdbx_host_org_strain               ? 
_entity_src_gen.pdbx_host_org_variant              ? 
_entity_src_gen.pdbx_host_org_cell_line            ? 
_entity_src_gen.pdbx_host_org_atcc                 ? 
_entity_src_gen.pdbx_host_org_culture_collection   ? 
_entity_src_gen.pdbx_host_org_cell                 ? 
_entity_src_gen.pdbx_host_org_organelle            ? 
_entity_src_gen.pdbx_host_org_cellular_location    ? 
_entity_src_gen.pdbx_host_org_vector_type          plasmid 
_entity_src_gen.pdbx_host_org_vector               ? 
_entity_src_gen.host_org_details                   ? 
_entity_src_gen.expression_system_id               ? 
_entity_src_gen.plasmid_name                       pDEST-17 
_entity_src_gen.plasmid_details                    ? 
_entity_src_gen.pdbx_description                   ? 
# 
_struct_ref.id                         1 
_struct_ref.db_name                    UNP 
_struct_ref.db_code                    Q06449_YEAST 
_struct_ref.pdbx_db_accession          Q06449 
_struct_ref.entity_id                  1 
_struct_ref.pdbx_align_begin           57 
_struct_ref.pdbx_db_isoform            ? 
_struct_ref.pdbx_seq_one_letter_code   ? 
# 
_struct_ref_seq.align_id                      1 
_struct_ref_seq.ref_id                        1 
_struct_ref_seq.pdbx_PDB_id_code              1ZX6 
_struct_ref_seq.pdbx_strand_id                A 
_struct_ref_seq.seq_align_beg                 3 
_struct_ref_seq.pdbx_seq_align_beg_ins_code   ? 
_struct_ref_seq.seq_align_end                 58 
_struct_ref_seq.pdbx_seq_align_end_ins_code   ? 
_struct_ref_seq.pdbx_db_accession             Q06449 
_struct_ref_seq.db_align_beg                  57 
_struct_ref_seq.pdbx_db_align_beg_ins_code    ? 
_struct_ref_seq.db_align_end                  112 
_struct_ref_seq.pdbx_db_align_end_ins_code    ? 
_struct_ref_seq.pdbx_auth_seq_align_beg       3 
_struct_ref_seq.pdbx_auth_seq_align_end       58 
# 
loop_
_struct_ref_seq_dif.align_id 
_struct_ref_seq_dif.pdbx_pdb_id_code 
_struct_ref_seq_dif.mon_id 
_struct_ref_seq_dif.pdbx_pdb_strand_id 
_struct_ref_seq_dif.seq_num 
_struct_ref_seq_dif.pdbx_pdb_ins_code 
_struct_ref_seq_dif.pdbx_seq_db_name 
_struct_ref_seq_dif.pdbx_seq_db_accession_code 
_struct_ref_seq_dif.db_mon_id 
_struct_ref_seq_dif.pdbx_seq_db_seq_num 
_struct_ref_seq_dif.details 
_struct_ref_seq_dif.pdbx_auth_seq_num 
_struct_ref_seq_dif.pdbx_ordinal 
1 1ZX6 GLY A 1 ? UNP Q06449 ? ? 'cloning artifact' 1 1 
1 1ZX6 MET A 2 ? UNP Q06449 ? ? 'cloning artifact' 2 2 
# 
loop_
_chem_comp.id 
_chem_comp.type 
_chem_comp.mon_nstd_flag 
_chem_comp.name 
_chem_comp.pdbx_synonyms 
_chem_comp.formula 
_chem_comp.formula_weight 
ALA 'L-peptide linking' y ALANINE         ? 'C3 H7 N O2'     89.093  
ARG 'L-peptide linking' y ARGININE        ? 'C6 H15 N4 O2 1' 175.209 
ASN 'L-peptide linking' y ASPARAGINE      ? 'C4 H8 N2 O3'    132.118 
ASP 'L-peptide linking' y 'ASPARTIC ACID' ? 'C4 H7 N O4'     133.103 
CYS 'L-peptide linking' y CYSTEINE        ? 'C3 H7 N O2 S'   121.158 
GLN 'L-peptide linking' y GLUTAMINE       ? 'C5 H10 N2 O3'   146.144 
GLU 'L-peptide linking' y 'GLUTAMIC ACID' ? 'C5 H9 N O4'     147.129 
GLY 'peptide linking'   y GLYCINE         ? 'C2 H5 N O2'     75.067  
HOH non-polymer         . WATER           ? 'H2 O'           18.015  
ILE 'L-peptide linking' y ISOLEUCINE      ? 'C6 H13 N O2'    131.173 
LEU 'L-peptide linking' y LEUCINE         ? 'C6 H13 N O2'    131.173 
LYS 'L-peptide linking' y LYSINE          ? 'C6 H15 N2 O2 1' 147.195 
MET 'L-peptide linking' y METHIONINE      ? 'C5 H11 N O2 S'  149.211 
PHE 'L-peptide linking' y PHENYLALANINE   ? 'C9 H11 N O2'    165.189 
PRO 'L-peptide linking' y PROLINE         ? 'C5 H9 N O2'     115.130 
SER 'L-peptide linking' y SERINE          ? 'C3 H7 N O3'     105.093 
THR 'L-peptide linking' y THREONINE       ? 'C4 H9 N O3'     119.119 
TRP 'L-peptide linking' y TRYPTOPHAN      ? 'C11 H12 N2 O2'  204.225 
TYR 'L-peptide linking' y TYROSINE        ? 'C9 H11 N O3'    181.189 
VAL 'L-peptide linking' y VALINE          ? 'C5 H11 N O2'    117.146 
# 
_exptl.entry_id          1ZX6 
_exptl.method            'X-RAY DIFFRACTION' 
_exptl.crystals_number   1 
# 
_exptl_crystal.id                    1 
_exptl_crystal.density_meas          ? 
_exptl_crystal.density_Matthews      2.2 
_exptl_crystal.density_percent_sol   43.5 
_exptl_crystal.description           ? 
_exptl_crystal.F_000                 ? 
_exptl_crystal.preparation           ? 
# 
_exptl_crystal_grow.crystal_id      1 
_exptl_crystal_grow.method          'VAPOR DIFFUSION, HANGING DROP' 
_exptl_crystal_grow.temp            295 
_exptl_crystal_grow.temp_details    ? 
_exptl_crystal_grow.pH              ? 
_exptl_crystal_grow.pdbx_details    'VAPOR DIFFUSION, HANGING DROP, temperature 295K' 
_exptl_crystal_grow.pdbx_pH_range   . 
# 
_diffrn.id                     1 
_diffrn.ambient_temp           100 
_diffrn.ambient_temp_details   ? 
_diffrn.crystal_id             1 
# 
_diffrn_detector.diffrn_id              1 
_diffrn_detector.detector               CCD 
_diffrn_detector.type                   MARRESEARCH 
_diffrn_detector.pdbx_collection_date   2005-04-20 
_diffrn_detector.details                ? 
# 
_diffrn_radiation.diffrn_id                        1 
_diffrn_radiation.wavelength_id                    1 
_diffrn_radiation.pdbx_monochromatic_or_laue_m_l   M 
_diffrn_radiation.monochromator                    ? 
_diffrn_radiation.pdbx_diffrn_protocol             'SINGLE WAVELENGTH' 
_diffrn_radiation.pdbx_scattering_type             x-ray 
# 
_diffrn_radiation_wavelength.id           1 
_diffrn_radiation_wavelength.wavelength   0.813 
_diffrn_radiation_wavelength.wt           1.0 
# 
_diffrn_source.diffrn_id                   1 
_diffrn_source.source                      SYNCHROTRON 
_diffrn_source.type                        'EMBL/DESY, HAMBURG BEAMLINE X11' 
_diffrn_source.pdbx_synchrotron_site       'EMBL/DESY, HAMBURG' 
_diffrn_source.pdbx_synchrotron_beamline   X11 
_diffrn_source.pdbx_wavelength             ? 
_diffrn_source.pdbx_wavelength_list        0.813 
# 
_reflns.entry_id                     1ZX6 
_reflns.observed_criterion_sigma_F   -3 
_reflns.observed_criterion_sigma_I   -3 
_reflns.d_resolution_high            1.6 
_reflns.d_resolution_low             20 
_reflns.number_all                   7155 
_reflns.number_obs                   7155 
_reflns.percent_possible_obs         94.2 
_reflns.pdbx_Rmerge_I_obs            ? 
_reflns.pdbx_Rsym_value              0.069 
_reflns.pdbx_netI_over_sigmaI        7.9 
_reflns.B_iso_Wilson_estimate        21 
_reflns.pdbx_redundancy              2.0 
_reflns.R_free_details               ? 
_reflns.limit_h_max                  ? 
_reflns.limit_h_min                  ? 
_reflns.limit_k_max                  ? 
_reflns.limit_k_min                  ? 
_reflns.limit_l_max                  ? 
_reflns.limit_l_min                  ? 
_reflns.observed_criterion_F_max     ? 
_reflns.observed_criterion_F_min     ? 
_reflns.pdbx_chi_squared             ? 
_reflns.pdbx_scaling_rejects         ? 
_reflns.pdbx_ordinal                 1 
_reflns.pdbx_diffrn_id               1 
# 
_reflns_shell.d_res_high             1.6 
_reflns_shell.d_res_low              1.7 
_reflns_shell.percent_possible_all   96.8 
_reflns_shell.Rmerge_I_obs           ? 
_reflns_shell.pdbx_Rsym_value        0.312 
_reflns_shell.meanI_over_sigI_obs    2.6 
_reflns_shell.pdbx_redundancy        1.9 
_reflns_shell.percent_possible_obs   ? 
_reflns_shell.number_unique_all      1187 
_reflns_shell.number_measured_all    ? 
_reflns_shell.number_measured_obs    ? 
_reflns_shell.number_unique_obs      ? 
_reflns_shell.pdbx_chi_squared       ? 
_reflns_shell.pdbx_ordinal           1 
_reflns_shell.pdbx_diffrn_id         1 
# 
_refine.entry_id                                 1ZX6 
_refine.ls_number_reflns_obs                     7155 
_refine.ls_number_reflns_all                     7155 
_refine.pdbx_ls_sigma_I                          ? 
_refine.pdbx_ls_sigma_F                          -3 
_refine.pdbx_data_cutoff_high_absF               ? 
_refine.pdbx_data_cutoff_low_absF                ? 
_refine.pdbx_data_cutoff_high_rms_absF           ? 
_refine.ls_d_res_low                             20.00 
_refine.ls_d_res_high                            1.60 
_refine.ls_percent_reflns_obs                    94.31 
_refine.ls_R_factor_obs                          0.18347 
_refine.ls_R_factor_all                          0.18347 
_refine.ls_R_factor_R_work                       0.18157 
_refine.ls_R_factor_R_free                       0.22089 
_refine.ls_R_factor_R_free_error                 ? 
_refine.ls_R_factor_R_free_error_details         ? 
_refine.ls_percent_reflns_R_free                 5.0 
_refine.ls_number_reflns_R_free                  358 
_refine.ls_number_parameters                     ? 
_refine.ls_number_restraints                     ? 
_refine.occupancy_min                            ? 
_refine.occupancy_max                            ? 
_refine.correlation_coeff_Fo_to_Fc               .961 
_refine.correlation_coeff_Fo_to_Fc_free          .938 
_refine.B_iso_mean                               21.942 
_refine.aniso_B[1][1]                            -.82 
_refine.aniso_B[2][2]                            2.73 
_refine.aniso_B[3][3]                            -1.75 
_refine.aniso_B[1][2]                            .00 
_refine.aniso_B[1][3]                            .36 
_refine.aniso_B[2][3]                            .00 
_refine.solvent_model_details                    'BABINET MODEL WITH MASK' 
_refine.solvent_model_param_ksol                 ? 
_refine.solvent_model_param_bsol                 ? 
_refine.pdbx_solvent_vdw_probe_radii             1.20 
_refine.pdbx_solvent_ion_probe_radii             .80 
_refine.pdbx_solvent_shrinkage_radii             .80 
_refine.pdbx_ls_cross_valid_method               THROUGHOUT 
_refine.details                                  'HYDROGENS HAVE BEEN ADDED IN THE RIDING POSITIONS' 
_refine.pdbx_starting_model                      'PDB Entry: 1oot' 
_refine.pdbx_method_to_determine_struct          'MOLECULAR REPLACEMENT' 
_refine.pdbx_isotropic_thermal_model             'TLS REFINEMENT' 
_refine.pdbx_stereochemistry_target_values       'Engh & Huber' 
_refine.pdbx_stereochem_target_val_spec_case     ? 
_refine.pdbx_R_Free_selection_details            RANDOM 
_refine.pdbx_overall_ESU_R                       .098 
_refine.pdbx_overall_ESU_R_Free                  .100 
_refine.overall_SU_ML                            .073 
_refine.overall_SU_B                             4.335 
_refine.ls_redundancy_reflns_obs                 ? 
_refine.B_iso_min                                ? 
_refine.B_iso_max                                ? 
_refine.overall_SU_R_Cruickshank_DPI             ? 
_refine.overall_SU_R_free                        ? 
_refine.ls_wR_factor_R_free                      ? 
_refine.ls_wR_factor_R_work                      ? 
_refine.overall_FOM_free_R_set                   ? 
_refine.overall_FOM_work_R_set                   ? 
_refine.pdbx_refine_id                           'X-RAY DIFFRACTION' 
_refine.pdbx_TLS_residual_ADP_flag               'LIKELY RESIDUAL' 
_refine.pdbx_diffrn_id                           1 
_refine.pdbx_overall_phase_error                 ? 
_refine.pdbx_overall_SU_R_free_Cruickshank_DPI   ? 
_refine.pdbx_overall_SU_R_Blow_DPI               ? 
_refine.pdbx_overall_SU_R_free_Blow_DPI          ? 
# 
_refine_hist.pdbx_refine_id                   'X-RAY DIFFRACTION' 
_refine_hist.cycle_id                         LAST 
_refine_hist.pdbx_number_atoms_protein        448 
_refine_hist.pdbx_number_atoms_nucleic_acid   0 
_refine_hist.pdbx_number_atoms_ligand         0 
_refine_hist.number_atoms_solvent             59 
_refine_hist.number_atoms_total               507 
_refine_hist.d_res_high                       1.60 
_refine_hist.d_res_low                        20.00 
# 
loop_
_refine_ls_restr.type 
_refine_ls_restr.dev_ideal 
_refine_ls_restr.dev_ideal_target 
_refine_ls_restr.weight 
_refine_ls_restr.number 
_refine_ls_restr.pdbx_refine_id 
_refine_ls_restr.pdbx_restraint_function 
r_bond_refined_d         .013   .022   ? 461 'X-RAY DIFFRACTION' ? 
r_bond_other_d           .001   .020   ? 396 'X-RAY DIFFRACTION' ? 
r_angle_refined_deg      1.451  1.990  ? 625 'X-RAY DIFFRACTION' ? 
r_angle_other_deg        .780   3.000  ? 935 'X-RAY DIFFRACTION' ? 
r_dihedral_angle_1_deg   5.335  5.000  ? 55  'X-RAY DIFFRACTION' ? 
r_dihedral_angle_2_deg   26.177 25.652 ? 23  'X-RAY DIFFRACTION' ? 
r_dihedral_angle_3_deg   10.245 15.000 ? 74  'X-RAY DIFFRACTION' ? 
r_dihedral_angle_4_deg   27.413 15.000 ? 1   'X-RAY DIFFRACTION' ? 
r_chiral_restr           .096   .200   ? 61  'X-RAY DIFFRACTION' ? 
r_gen_planes_refined     .006   .020   ? 518 'X-RAY DIFFRACTION' ? 
r_gen_planes_other       .001   .020   ? 90  'X-RAY DIFFRACTION' ? 
r_nbd_refined            .191   .200   ? 53  'X-RAY DIFFRACTION' ? 
r_nbd_other              .173   .200   ? 373 'X-RAY DIFFRACTION' ? 
r_nbtor_refined          .186   .200   ? 211 'X-RAY DIFFRACTION' ? 
r_nbtor_other            .085   .200   ? 233 'X-RAY DIFFRACTION' ? 
r_xyhbond_nbd_refined    .147   .200   ? 30  'X-RAY DIFFRACTION' ? 
r_symmetry_vdw_refined   .379   .200   ? 6   'X-RAY DIFFRACTION' ? 
r_symmetry_vdw_other     .164   .200   ? 25  'X-RAY DIFFRACTION' ? 
r_symmetry_hbond_refined .174   .200   ? 7   'X-RAY DIFFRACTION' ? 
r_mcbond_it              1.437  2.000  ? 366 'X-RAY DIFFRACTION' ? 
r_mcbond_other           .338   2.000  ? 115 'X-RAY DIFFRACTION' ? 
r_mcangle_it             1.605  3.000  ? 446 'X-RAY DIFFRACTION' ? 
r_scbond_it              2.536  4.000  ? 248 'X-RAY DIFFRACTION' ? 
r_scangle_it             3.030  5.000  ? 179 'X-RAY DIFFRACTION' ? 
# 
_refine_ls_shell.pdbx_total_number_of_bins_used   20 
_refine_ls_shell.d_res_high                       1.600 
_refine_ls_shell.d_res_low                        1.641 
_refine_ls_shell.number_reflns_R_work             488 
_refine_ls_shell.R_factor_R_work                  0.265 
_refine_ls_shell.percent_reflns_obs               96.25 
_refine_ls_shell.R_factor_R_free                  0.386 
_refine_ls_shell.R_factor_R_free_error            ? 
_refine_ls_shell.percent_reflns_R_free            ? 
_refine_ls_shell.number_reflns_R_free             26 
_refine_ls_shell.number_reflns_obs                ? 
_refine_ls_shell.redundancy_reflns_obs            ? 
_refine_ls_shell.number_reflns_all                ? 
_refine_ls_shell.R_factor_all                     ? 
_refine_ls_shell.pdbx_refine_id                   'X-RAY DIFFRACTION' 
# 
_struct.entry_id                  1ZX6 
_struct.title                     'High-resolution crystal structure of yeast Pin3 SH3 domain' 
_struct.pdbx_model_details        ? 
_struct.pdbx_CASP_flag            ? 
_struct.pdbx_model_type_details   ? 
# 
_struct_keywords.entry_id        1ZX6 
_struct_keywords.pdbx_keywords   'PROTEIN BINDING' 
_struct_keywords.text            'SH3 domain, Protein Binding' 
# 
loop_
_struct_asym.id 
_struct_asym.pdbx_blank_PDB_chainid_flag 
_struct_asym.pdbx_modified 
_struct_asym.entity_id 
_struct_asym.details 
A N N 1 ? 
B N N 2 ? 
# 
_struct_biol.id   1 
# 
_struct_sheet.id               A 
_struct_sheet.type             ? 
_struct_sheet.number_strands   5 
_struct_sheet.details          ? 
# 
loop_
_struct_sheet_order.sheet_id 
_struct_sheet_order.range_id_1 
_struct_sheet_order.range_id_2 
_struct_sheet_order.offset 
_struct_sheet_order.sense 
A 1 2 ? anti-parallel 
A 2 3 ? anti-parallel 
A 3 4 ? anti-parallel 
A 4 5 ? anti-parallel 
# 
loop_
_struct_sheet_range.sheet_id 
_struct_sheet_range.id 
_struct_sheet_range.beg_label_comp_id 
_struct_sheet_range.beg_label_asym_id 
_struct_sheet_range.beg_label_seq_id 
_struct_sheet_range.pdbx_beg_PDB_ins_code 
_struct_sheet_range.end_label_comp_id 
_struct_sheet_range.end_label_asym_id 
_struct_sheet_range.end_label_seq_id 
_struct_sheet_range.pdbx_end_PDB_ins_code 
_struct_sheet_range.beg_auth_comp_id 
_struct_sheet_range.beg_auth_asym_id 
_struct_sheet_range.beg_auth_seq_id 
_struct_sheet_range.end_auth_comp_id 
_struct_sheet_range.end_auth_asym_id 
_struct_sheet_range.end_auth_seq_id 
A 1 ARG A 45 ? PRO A 50 ? ARG A 45 PRO A 50 
A 2 TRP A 37 ? CYS A 42 ? TRP A 37 CYS A 42 
A 3 LYS A 26 ? LYS A 32 ? LYS A 26 LYS A 32 
A 4 TYR A 4  ? ALA A 7  ? TYR A 4  ALA A 7  
A 5 VAL A 54 ? PRO A 56 ? VAL A 54 PRO A 56 
# 
loop_
_pdbx_struct_sheet_hbond.sheet_id 
_pdbx_struct_sheet_hbond.range_id_1 
_pdbx_struct_sheet_hbond.range_id_2 
_pdbx_struct_sheet_hbond.range_1_label_atom_id 
_pdbx_struct_sheet_hbond.range_1_label_comp_id 
_pdbx_struct_sheet_hbond.range_1_label_asym_id 
_pdbx_struct_sheet_hbond.range_1_label_seq_id 
_pdbx_struct_sheet_hbond.range_1_PDB_ins_code 
_pdbx_struct_sheet_hbond.range_1_auth_atom_id 
_pdbx_struct_sheet_hbond.range_1_auth_comp_id 
_pdbx_struct_sheet_hbond.range_1_auth_asym_id 
_pdbx_struct_sheet_hbond.range_1_auth_seq_id 
_pdbx_struct_sheet_hbond.range_2_label_atom_id 
_pdbx_struct_sheet_hbond.range_2_label_comp_id 
_pdbx_struct_sheet_hbond.range_2_label_asym_id 
_pdbx_struct_sheet_hbond.range_2_label_seq_id 
_pdbx_struct_sheet_hbond.range_2_PDB_ins_code 
_pdbx_struct_sheet_hbond.range_2_auth_atom_id 
_pdbx_struct_sheet_hbond.range_2_auth_comp_id 
_pdbx_struct_sheet_hbond.range_2_auth_asym_id 
_pdbx_struct_sheet_hbond.range_2_auth_seq_id 
A 1 2 O GLY A 47 ? O GLY A 47 N GLY A 40 ? N GLY A 40 
A 2 3 O SER A 41 ? O SER A 41 N GLN A 28 ? N GLN A 28 
A 3 4 O VAL A 27 ? O VAL A 27 N VAL A 5  ? N VAL A 5  
A 4 5 N GLU A 6  ? N GLU A 6  O LYS A 55 ? O LYS A 55 
# 
_atom_sites.entry_id                    1ZX6 
_atom_sites.fract_transf_matrix[1][1]   -0.00799717 
_atom_sites.fract_transf_matrix[1][2]   0.00638576 
_atom_sites.fract_transf_matrix[1][3]   -0.00529029 
_atom_sites.fract_transf_matrix[2][1]   -0.01513731 
_atom_sites.fract_transf_matrix[2][2]   -0.03031294 
_atom_sites.fract_transf_matrix[2][3]   -0.01370729 
_atom_sites.fract_transf_matrix[3][1]   -0.03113914 
_atom_sites.fract_transf_matrix[3][2]   0.00235387 
_atom_sites.fract_transf_matrix[3][3]   0.02918229 
_atom_sites.fract_transf_vector[1]      0.140192 
_atom_sites.fract_transf_vector[2]      1.011155 
_atom_sites.fract_transf_vector[3]      0.125318 
# 
loop_
_atom_type.symbol 
C 
N 
O 
S 
# 
loop_
_atom_site.group_PDB 
_atom_site.id 
_atom_site.type_symbol 
_atom_site.label_atom_id 
_atom_site.label_alt_id 
_atom_site.label_comp_id 
_atom_site.label_asym_id 
_atom_site.label_entity_id 
_atom_site.label_seq_id 
_atom_site.pdbx_PDB_ins_code 
_atom_site.Cartn_x 
_atom_site.Cartn_y 
_atom_site.Cartn_z 
_atom_site.occupancy 
_atom_site.B_iso_or_equiv 
_atom_site.pdbx_formal_charge 
_atom_site.auth_seq_id 
_atom_site.auth_comp_id 
_atom_site.auth_asym_id 
_atom_site.auth_atom_id 
_atom_site.pdbx_PDB_model_num 
ATOM   1   N N   . GLU A 1 3  ? 0.113   7.963   9.773   1.00 29.59 ? 3   GLU A N   1 
ATOM   2   C CA  . GLU A 1 3  ? -1.012  7.803   8.795   1.00 29.10 ? 3   GLU A CA  1 
ATOM   3   C C   . GLU A 1 3  ? -1.152  6.367   8.331   1.00 27.18 ? 3   GLU A C   1 
ATOM   4   O O   . GLU A 1 3  ? -0.149  5.759   7.933   1.00 26.37 ? 3   GLU A O   1 
ATOM   5   C CB  . GLU A 1 3  ? -0.767  8.612   7.535   1.00 30.96 ? 3   GLU A CB  1 
ATOM   6   C CG  . GLU A 1 3  ? -0.634  10.103  7.709   1.00 33.40 ? 3   GLU A CG  1 
ATOM   7   C CD  . GLU A 1 3  ? -0.856  10.838  6.391   1.00 34.09 ? 3   GLU A CD  1 
ATOM   8   O OE1 . GLU A 1 3  ? -1.473  10.249  5.467   1.00 40.20 ? 3   GLU A OE1 1 
ATOM   9   O OE2 . GLU A 1 3  ? -0.411  12.008  6.284   1.00 39.27 ? 3   GLU A OE2 1 
ATOM   10  N N   . TYR A 1 4  ? -2.392  5.870   8.340   1.00 24.21 ? 4   TYR A N   1 
ATOM   11  C CA  . TYR A 1 4  ? -2.708  4.521   7.849   1.00 24.33 ? 4   TYR A CA  1 
ATOM   12  C C   . TYR A 1 4  ? -3.799  4.588   6.800   1.00 23.58 ? 4   TYR A C   1 
ATOM   13  O O   . TYR A 1 4  ? -4.699  5.415   6.874   1.00 23.13 ? 4   TYR A O   1 
ATOM   14  C CB  . TYR A 1 4  ? -3.177  3.599   8.983   1.00 25.05 ? 4   TYR A CB  1 
ATOM   15  C CG  . TYR A 1 4  ? -2.047  3.047   9.834   1.00 26.63 ? 4   TYR A CG  1 
ATOM   16  C CD1 . TYR A 1 4  ? -1.397  3.857   10.725  1.00 25.28 ? 4   TYR A CD1 1 
ATOM   17  C CD2 . TYR A 1 4  ? -1.672  1.709   9.759   1.00 27.62 ? 4   TYR A CD2 1 
ATOM   18  C CE1 . TYR A 1 4  ? -0.368  3.380   11.520  1.00 26.54 ? 4   TYR A CE1 1 
ATOM   19  C CE2 . TYR A 1 4  ? -0.645  1.218   10.552  1.00 25.14 ? 4   TYR A CE2 1 
ATOM   20  C CZ  . TYR A 1 4  ? -0.005  2.060   11.421  1.00 25.73 ? 4   TYR A CZ  1 
ATOM   21  O OH  . TYR A 1 4  ? 1.027   1.581   12.212  1.00 28.50 ? 4   TYR A OH  1 
ATOM   22  N N   . VAL A 1 5  ? -3.699  3.701   5.820   1.00 23.43 ? 5   VAL A N   1 
ATOM   23  C CA  . VAL A 1 5  ? -4.645  3.603   4.724   1.00 23.05 ? 5   VAL A CA  1 
ATOM   24  C C   . VAL A 1 5  ? -5.176  2.170   4.683   1.00 23.60 ? 5   VAL A C   1 
ATOM   25  O O   . VAL A 1 5  ? -4.555  1.258   5.233   1.00 23.27 ? 5   VAL A O   1 
ATOM   26  C CB  . VAL A 1 5  ? -3.980  4.010   3.358   1.00 22.98 ? 5   VAL A CB  1 
ATOM   27  C CG1 . VAL A 1 5  ? -3.541  5.509   3.405   1.00 23.14 ? 5   VAL A CG1 1 
ATOM   28  C CG2 . VAL A 1 5  ? -2.804  3.138   3.003   1.00 22.86 ? 5   VAL A CG2 1 
ATOM   29  N N   . GLU A 1 6  ? -6.293  1.976   4.003   1.00 23.68 ? 6   GLU A N   1 
ATOM   30  C CA  . GLU A 1 6  ? -6.892  0.630   3.898   1.00 24.89 ? 6   GLU A CA  1 
ATOM   31  C C   . GLU A 1 6  ? -7.013  0.252   2.424   1.00 24.03 ? 6   GLU A C   1 
ATOM   32  O O   . GLU A 1 6  ? -7.568  1.014   1.629   1.00 22.41 ? 6   GLU A O   1 
ATOM   33  C CB  . GLU A 1 6  ? -8.272  0.585   4.568   1.00 24.79 ? 6   GLU A CB  1 
ATOM   34  C CG  . GLU A 1 6  ? -8.928  -0.798  4.489   1.00 24.93 ? 6   GLU A CG  1 
ATOM   35  C CD  . GLU A 1 6  ? -10.313 -0.870  5.150   1.00 27.25 ? 6   GLU A CD  1 
ATOM   36  O OE1 . GLU A 1 6  ? -10.804 0.146   5.680   1.00 30.73 ? 6   GLU A OE1 1 
ATOM   37  O OE2 . GLU A 1 6  ? -10.894 -1.968  5.147   1.00 30.56 ? 6   GLU A OE2 1 
ATOM   38  N N   . ALA A 1 7  ? -6.556  -0.957  2.079   1.00 23.17 ? 7   ALA A N   1 
ATOM   39  C CA  . ALA A 1 7  ? -6.682  -1.484  0.704   1.00 24.11 ? 7   ALA A CA  1 
ATOM   40  C C   . ALA A 1 7  ? -8.116  -1.859  0.371   1.00 24.11 ? 7   ALA A C   1 
ATOM   41  O O   . ALA A 1 7  ? -8.828  -2.495  1.184   1.00 23.18 ? 7   ALA A O   1 
ATOM   42  C CB  . ALA A 1 7  ? -5.764  -2.705  0.502   1.00 24.51 ? 7   ALA A CB  1 
ATOM   43  N N   . LEU A 1 8  ? -8.558  -1.413  -0.805  1.00 24.97 ? 8   LEU A N   1 
ATOM   44  C CA  . LEU A 1 8  ? -9.920  -1.641  -1.287  1.00 24.02 ? 8   LEU A CA  1 
ATOM   45  C C   . LEU A 1 8  ? -9.949  -2.709  -2.357  1.00 23.91 ? 8   LEU A C   1 
ATOM   46  O O   . LEU A 1 8  ? -11.004 -3.283  -2.629  1.00 23.40 ? 8   LEU A O   1 
ATOM   47  C CB  . LEU A 1 8  ? -10.493 -0.367  -1.893  1.00 26.22 ? 8   LEU A CB  1 
ATOM   48  C CG  . LEU A 1 8  ? -11.097 0.703   -1.004  1.00 30.73 ? 8   LEU A CG  1 
ATOM   49  C CD1 . LEU A 1 8  ? -11.438 1.927   -1.849  1.00 31.13 ? 8   LEU A CD1 1 
ATOM   50  C CD2 . LEU A 1 8  ? -12.326 0.183   -0.294  1.00 30.51 ? 8   LEU A CD2 1 
ATOM   51  N N   . TYR A 1 9  ? -8.796  -2.928  -2.979  1.00 23.79 ? 9   TYR A N   1 
ATOM   52  C CA  . TYR A 1 9  ? -8.655  -3.836  -4.129  1.00 23.12 ? 9   TYR A CA  1 
ATOM   53  C C   . TYR A 1 9  ? -7.352  -4.641  -3.967  1.00 23.31 ? 9   TYR A C   1 
ATOM   54  O O   . TYR A 1 9  ? -6.405  -4.193  -3.296  1.00 22.83 ? 9   TYR A O   1 
ATOM   55  C CB  . TYR A 1 9  ? -8.581  -3.043  -5.443  1.00 23.33 ? 9   TYR A CB  1 
ATOM   56  C CG  . TYR A 1 9  ? -9.630  -1.973  -5.606  1.00 22.51 ? 9   TYR A CG  1 
ATOM   57  C CD1 . TYR A 1 9  ? -10.879 -2.260  -6.121  1.00 22.90 ? 9   TYR A CD1 1 
ATOM   58  C CD2 . TYR A 1 9  ? -9.341  -0.650  -5.278  1.00 23.30 ? 9   TYR A CD2 1 
ATOM   59  C CE1 . TYR A 1 9  ? -11.841 -1.271  -6.267  1.00 23.99 ? 9   TYR A CE1 1 
ATOM   60  C CE2 . TYR A 1 9  ? -10.299 0.343   -5.411  1.00 22.93 ? 9   TYR A CE2 1 
ATOM   61  C CZ  . TYR A 1 9  ? -11.552 0.031   -5.896  1.00 21.68 ? 9   TYR A CZ  1 
ATOM   62  O OH  . TYR A 1 9  ? -12.537 1.011   -6.038  1.00 25.54 ? 9   TYR A OH  1 
ATOM   63  N N   . GLN A 1 10 ? -7.330  -5.823  -4.570  1.00 22.30 ? 10  GLN A N   1 
ATOM   64  C CA  . GLN A 1 10 ? -6.179  -6.749  -4.500  1.00 21.34 ? 10  GLN A CA  1 
ATOM   65  C C   . GLN A 1 10 ? -5.095  -6.281  -5.470  1.00 22.48 ? 10  GLN A C   1 
ATOM   66  O O   . GLN A 1 10 ? -5.334  -6.160  -6.661  1.00 21.30 ? 10  GLN A O   1 
ATOM   67  C CB  . GLN A 1 10 ? -6.584  -8.200  -4.804  1.00 21.80 ? 10  GLN A CB  1 
ATOM   68  C CG  . GLN A 1 10 ? -5.409  -9.177  -4.675  1.00 21.54 ? 10  GLN A CG  1 
ATOM   69  C CD  . GLN A 1 10 ? -5.843  -10.631 -4.561  1.00 22.12 ? 10  GLN A CD  1 
ATOM   70  O OE1 . GLN A 1 10 ? -6.846  -10.942 -3.918  1.00 26.62 ? 10  GLN A OE1 1 
ATOM   71  N NE2 . GLN A 1 10 ? -5.069  -11.523 -5.150  1.00 21.51 ? 10  GLN A NE2 1 
ATOM   72  N N   . PHE A 1 11 ? -3.932  -5.907  -4.927  1.00 21.22 ? 11  PHE A N   1 
ATOM   73  C CA  . PHE A 1 11 ? -2.763  -5.605  -5.729  1.00 20.89 ? 11  PHE A CA  1 
ATOM   74  C C   . PHE A 1 11 ? -1.825  -6.818  -5.686  1.00 21.67 ? 11  PHE A C   1 
ATOM   75  O O   . PHE A 1 11 ? -1.280  -7.143  -4.639  1.00 22.20 ? 11  PHE A O   1 
ATOM   76  C CB  . PHE A 1 11 ? -2.076  -4.338  -5.196  1.00 22.71 ? 11  PHE A CB  1 
ATOM   77  C CG  . PHE A 1 11 ? -0.788  -4.054  -5.852  1.00 21.40 ? 11  PHE A CG  1 
ATOM   78  C CD1 . PHE A 1 11 ? -0.714  -3.887  -7.222  1.00 23.40 ? 11  PHE A CD1 1 
ATOM   79  C CD2 . PHE A 1 11 ? 0.375   -3.916  -5.096  1.00 21.83 ? 11  PHE A CD2 1 
ATOM   80  C CE1 . PHE A 1 11 ? 0.484   -3.660  -7.848  1.00 24.36 ? 11  PHE A CE1 1 
ATOM   81  C CE2 . PHE A 1 11 ? 1.586   -3.660  -5.709  1.00 22.87 ? 11  PHE A CE2 1 
ATOM   82  C CZ  . PHE A 1 11 ? 1.655   -3.520  -7.071  1.00 22.06 ? 11  PHE A CZ  1 
ATOM   83  N N   . ASP A 1 12 ? -1.684  -7.520  -6.807  1.00 23.70 ? 12  ASP A N   1 
ATOM   84  C CA  . ASP A 1 12 ? -0.746  -8.654  -6.887  1.00 24.66 ? 12  ASP A CA  1 
ATOM   85  C C   . ASP A 1 12 ? 0.658   -8.166  -7.259  1.00 27.40 ? 12  ASP A C   1 
ATOM   86  O O   . ASP A 1 12 ? 0.858   -7.622  -8.322  1.00 27.37 ? 12  ASP A O   1 
ATOM   87  C CB  . ASP A 1 12 ? -1.277  -9.701  -7.877  1.00 26.45 ? 12  ASP A CB  1 
ATOM   88  C CG  . ASP A 1 12 ? -2.632  -10.210 -7.476  1.00 25.58 ? 12  ASP A CG  1 
ATOM   89  O OD1 . ASP A 1 12 ? -2.765  -10.712 -6.350  1.00 22.93 ? 12  ASP A OD1 1 
ATOM   90  O OD2 . ASP A 1 12 ? -3.592  -10.096 -8.270  1.00 30.50 ? 12  ASP A OD2 1 
ATOM   91  N N   . PRO A 1 13 ? 1.638   -8.352  -6.364  1.00 28.89 ? 13  PRO A N   1 
ATOM   92  C CA  . PRO A 1 13 ? 2.989   -7.872  -6.643  1.00 29.33 ? 13  PRO A CA  1 
ATOM   93  C C   . PRO A 1 13 ? 3.692   -8.654  -7.748  1.00 30.20 ? 13  PRO A C   1 
ATOM   94  O O   . PRO A 1 13 ? 3.512   -9.882  -7.874  1.00 30.76 ? 13  PRO A O   1 
ATOM   95  C CB  . PRO A 1 13 ? 3.707   -8.050  -5.302  1.00 29.62 ? 13  PRO A CB  1 
ATOM   96  C CG  . PRO A 1 13 ? 3.001   -9.163  -4.644  1.00 30.04 ? 13  PRO A CG  1 
ATOM   97  C CD  . PRO A 1 13 ? 1.554   -9.010  -5.045  1.00 29.56 ? 13  PRO A CD  1 
ATOM   98  N N   . GLN A 1 14 ? 4.477   -7.946  -8.554  1.00 29.38 ? 14  GLN A N   1 
ATOM   99  C CA  . GLN A 1 14 ? 5.163   -8.557  -9.689  1.00 29.86 ? 14  GLN A CA  1 
ATOM   100 C C   . GLN A 1 14 ? 6.664   -8.267  -9.718  1.00 29.03 ? 14  GLN A C   1 
ATOM   101 O O   . GLN A 1 14 ? 7.414   -8.965  -10.395 1.00 30.00 ? 14  GLN A O   1 
ATOM   102 C CB  . GLN A 1 14 ? 4.506   -8.131  -11.009 1.00 31.88 ? 14  GLN A CB  1 
ATOM   103 C CG  . GLN A 1 14 ? 3.013   -8.491  -11.134 1.00 33.99 ? 14  GLN A CG  1 
ATOM   104 C CD  . GLN A 1 14 ? 2.747   -9.998  -11.209 1.00 37.11 ? 14  GLN A CD  1 
ATOM   105 O OE1 . GLN A 1 14 ? 3.672   -10.808 -11.335 1.00 37.96 ? 14  GLN A OE1 1 
ATOM   106 N NE2 . GLN A 1 14 ? 1.465   -10.377 -11.127 1.00 37.35 ? 14  GLN A NE2 1 
ATOM   107 N N   . GLN A 1 15 ? 7.096   -7.265  -8.963  1.00 26.06 ? 15  GLN A N   1 
ATOM   108 C CA  . GLN A 1 15 ? 8.469   -6.866  -8.956  1.00 25.33 ? 15  GLN A CA  1 
ATOM   109 C C   . GLN A 1 15 ? 8.950   -6.824  -7.523  1.00 24.02 ? 15  GLN A C   1 
ATOM   110 O O   . GLN A 1 15 ? 8.207   -6.429  -6.627  1.00 22.23 ? 15  GLN A O   1 
ATOM   111 C CB  . GLN A 1 15 ? 8.571   -5.473  -9.573  1.00 25.58 ? 15  GLN A CB  1 
ATOM   112 C CG  . GLN A 1 15 ? 9.991   -4.994  -9.765  1.00 24.81 ? 15  GLN A CG  1 
ATOM   113 C CD  . GLN A 1 15 ? 10.075  -3.675  -10.508 1.00 23.54 ? 15  GLN A CD  1 
ATOM   114 O OE1 . GLN A 1 15 ? 9.063   -3.028  -10.786 1.00 21.01 ? 15  GLN A OE1 1 
ATOM   115 N NE2 . GLN A 1 15 ? 11.296  -3.274  -10.841 1.00 23.48 ? 15  GLN A NE2 1 
ATOM   116 N N   . ASP A 1 16 ? 10.187  -7.246  -7.304  1.00 24.72 ? 16  ASP A N   1 
ATOM   117 C CA  . ASP A 1 16 ? 10.810  -7.072  -6.008  1.00 25.54 ? 16  ASP A CA  1 
ATOM   118 C C   . ASP A 1 16 ? 10.675  -5.616  -5.560  1.00 24.66 ? 16  ASP A C   1 
ATOM   119 O O   . ASP A 1 16 ? 10.876  -4.691  -6.356  1.00 24.22 ? 16  ASP A O   1 
ATOM   120 C CB  . ASP A 1 16 ? 12.264  -7.519  -6.068  1.00 26.26 ? 16  ASP A CB  1 
ATOM   121 C CG  . ASP A 1 16 ? 12.398  -9.004  -6.459  1.00 29.33 ? 16  ASP A CG  1 
ATOM   122 O OD1 . ASP A 1 16 ? 11.574  -9.835  -6.008  1.00 33.86 ? 16  ASP A OD1 1 
ATOM   123 O OD2 . ASP A 1 16 ? 13.329  -9.348  -7.230  1.00 30.82 ? 16  ASP A OD2 1 
ATOM   124 N N   . GLY A 1 17 ? 10.272  -5.436  -4.300  1.00 23.39 ? 17  GLY A N   1 
ATOM   125 C CA  . GLY A 1 17 ? 10.057  -4.108  -3.726  1.00 23.85 ? 17  GLY A CA  1 
ATOM   126 C C   . GLY A 1 17 ? 8.598   -3.653  -3.744  1.00 24.03 ? 17  GLY A C   1 
ATOM   127 O O   . GLY A 1 17 ? 8.259   -2.629  -3.149  1.00 23.14 ? 17  GLY A O   1 
ATOM   128 N N   . ASP A 1 18 ? 7.742   -4.403  -4.428  1.00 24.15 ? 18  ASP A N   1 
ATOM   129 C CA  . ASP A 1 18 ? 6.302   -4.145  -4.418  1.00 24.20 ? 18  ASP A CA  1 
ATOM   130 C C   . ASP A 1 18 ? 5.726   -4.692  -3.125  1.00 24.48 ? 18  ASP A C   1 
ATOM   131 O O   . ASP A 1 18 ? 6.086   -5.816  -2.722  1.00 27.21 ? 18  ASP A O   1 
ATOM   132 C CB  . ASP A 1 18 ? 5.583   -4.925  -5.526  1.00 24.26 ? 18  ASP A CB  1 
ATOM   133 C CG  . ASP A 1 18 ? 5.810   -4.394  -6.927  1.00 26.56 ? 18  ASP A CG  1 
ATOM   134 O OD1 . ASP A 1 18 ? 6.439   -3.342  -7.095  1.00 25.05 ? 18  ASP A OD1 1 
ATOM   135 O OD2 . ASP A 1 18 ? 5.327   -5.078  -7.879  1.00 26.09 ? 18  ASP A OD2 1 
ATOM   136 N N   . LEU A 1 19 ? 4.764   -3.988  -2.558  1.00 23.65 ? 19  LEU A N   1 
ATOM   137 C CA  . LEU A 1 19 ? 4.010   -4.426  -1.379  1.00 23.58 ? 19  LEU A CA  1 
ATOM   138 C C   . LEU A 1 19 ? 2.641   -4.926  -1.849  1.00 22.84 ? 19  LEU A C   1 
ATOM   139 O O   . LEU A 1 19 ? 1.737   -4.137  -2.174  1.00 23.33 ? 19  LEU A O   1 
ATOM   140 C CB  . LEU A 1 19 ? 3.839   -3.250  -0.412  1.00 23.24 ? 19  LEU A CB  1 
ATOM   141 C CG  . LEU A 1 19 ? 3.009   -3.506  0.881   1.00 23.22 ? 19  LEU A CG  1 
ATOM   142 C CD1 . LEU A 1 19 ? 3.698   -4.516  1.763   1.00 25.58 ? 19  LEU A CD1 1 
ATOM   143 C CD2 . LEU A 1 19 ? 2.744   -2.199  1.642   1.00 24.42 ? 19  LEU A CD2 1 
ATOM   144 N N   . GLY A 1 20 ? 2.480   -6.239  -1.858  1.00 22.82 ? 20  GLY A N   1 
ATOM   145 C CA  . GLY A 1 20 ? 1.204   -6.840  -2.203  1.00 22.78 ? 20  GLY A CA  1 
ATOM   146 C C   . GLY A 1 20 ? 0.138   -6.432  -1.204  1.00 22.86 ? 20  GLY A C   1 
ATOM   147 O O   . GLY A 1 20 ? 0.436   -6.187  -0.014  1.00 23.29 ? 20  GLY A O   1 
ATOM   148 N N   . LEU A 1 21 ? -1.103  -6.349  -1.677  1.00 23.16 ? 21  LEU A N   1 
ATOM   149 C CA  . LEU A 1 21 ? -2.232  -5.882  -0.875  1.00 23.01 ? 21  LEU A CA  1 
ATOM   150 C C   . LEU A 1 21 ? -3.468  -6.776  -1.096  1.00 22.74 ? 21  LEU A C   1 
ATOM   151 O O   . LEU A 1 21 ? -3.747  -7.182  -2.217  1.00 21.95 ? 21  LEU A O   1 
ATOM   152 C CB  . LEU A 1 21 ? -2.600  -4.427  -1.231  1.00 24.59 ? 21  LEU A CB  1 
ATOM   153 C CG  . LEU A 1 21 ? -1.588  -3.289  -1.136  1.00 28.82 ? 21  LEU A CG  1 
ATOM   154 C CD1 . LEU A 1 21 ? -2.210  -2.018  -1.734  1.00 31.87 ? 21  LEU A CD1 1 
ATOM   155 C CD2 . LEU A 1 21 ? -1.134  -3.055  0.295   1.00 29.54 ? 21  LEU A CD2 1 
ATOM   156 N N   . LYS A 1 22 ? -4.198  -7.067  -0.036  1.00 22.43 ? 22  LYS A N   1 
ATOM   157 C CA  . LYS A 1 22 ? -5.493  -7.765  -0.182  1.00 24.72 ? 22  LYS A CA  1 
ATOM   158 C C   . LYS A 1 22 ? -6.519  -6.783  0.367   1.00 24.35 ? 22  LYS A C   1 
ATOM   159 O O   . LYS A 1 22 ? -6.221  -6.033  1.271   1.00 22.81 ? 22  LYS A O   1 
ATOM   160 C CB  . LYS A 1 22 ? -5.524  -9.095  0.563   1.00 26.72 ? 22  LYS A CB  1 
ATOM   161 C CG  . LYS A 1 22 ? -4.543  -10.127 -0.025  1.00 29.93 ? 22  LYS A CG  1 
ATOM   162 C CD  . LYS A 1 22 ? -5.000  -11.566 0.118   1.00 30.66 ? 22  LYS A CD  1 
ATOM   163 C CE  . LYS A 1 22 ? -5.980  -11.974 -0.969  1.00 33.37 ? 22  LYS A CE  1 
ATOM   164 N NZ  . LYS A 1 22 ? -6.248  -13.448 -0.964  1.00 34.30 ? 22  LYS A NZ  1 
ATOM   165 N N   . PRO A 1 23 ? -7.729  -6.787  -0.166  1.00 23.06 ? 23  PRO A N   1 
ATOM   166 C CA  . PRO A 1 23 ? -8.710  -5.851  0.383   1.00 23.98 ? 23  PRO A CA  1 
ATOM   167 C C   . PRO A 1 23 ? -8.919  -6.006  1.888   1.00 23.65 ? 23  PRO A C   1 
ATOM   168 O O   . PRO A 1 23 ? -9.047  -7.142  2.376   1.00 23.68 ? 23  PRO A O   1 
ATOM   169 C CB  . PRO A 1 23 ? -9.993  -6.226  -0.370  1.00 23.81 ? 23  PRO A CB  1 
ATOM   170 C CG  . PRO A 1 23 ? -9.521  -6.883  -1.622  1.00 23.42 ? 23  PRO A CG  1 
ATOM   171 C CD  . PRO A 1 23 ? -8.296  -7.629  -1.234  1.00 22.86 ? 23  PRO A CD  1 
ATOM   172 N N   . GLY A 1 24 ? -8.919  -4.885  2.604   1.00 23.73 ? 24  GLY A N   1 
ATOM   173 C CA  . GLY A 1 24 ? -9.071  -4.865  4.044   1.00 23.73 ? 24  GLY A CA  1 
ATOM   174 C C   . GLY A 1 24 ? -7.755  -4.636  4.767   1.00 23.84 ? 24  GLY A C   1 
ATOM   175 O O   . GLY A 1 24 ? -7.765  -4.298  5.945   1.00 27.26 ? 24  GLY A O   1 
ATOM   176 N N   . ASP A 1 25 ? -6.629  -4.858  4.080   1.00 24.45 ? 25  ASP A N   1 
ATOM   177 C CA  . ASP A 1 25 ? -5.297  -4.711  4.687   1.00 24.27 ? 25  ASP A CA  1 
ATOM   178 C C   . ASP A 1 25 ? -5.104  -3.241  5.055   1.00 23.64 ? 25  ASP A C   1 
ATOM   179 O O   . ASP A 1 25 ? -5.309  -2.382  4.210   1.00 24.70 ? 25  ASP A O   1 
ATOM   180 C CB  . ASP A 1 25 ? -4.163  -5.043  3.697   1.00 25.57 ? 25  ASP A CB  1 
ATOM   181 C CG  . ASP A 1 25 ? -3.919  -6.537  3.517   1.00 23.72 ? 25  ASP A CG  1 
ATOM   182 O OD1 . ASP A 1 25 ? -4.453  -7.345  4.305   1.00 26.65 ? 25  ASP A OD1 1 
ATOM   183 O OD2 . ASP A 1 25 ? -3.128  -6.879  2.582   1.00 25.90 ? 25  ASP A OD2 1 
ATOM   184 N N   . LYS A 1 26 ? -4.694  -2.971  6.303   1.00 22.64 ? 26  LYS A N   1 
ATOM   185 C CA  . LYS A 1 26 ? -4.331  -1.614  6.747   1.00 24.36 ? 26  LYS A CA  1 
ATOM   186 C C   . LYS A 1 26 ? -2.815  -1.464  6.709   1.00 23.93 ? 26  LYS A C   1 
ATOM   187 O O   . LYS A 1 26 ? -2.081  -2.298  7.224   1.00 24.29 ? 26  LYS A O   1 
ATOM   188 C CB  . LYS A 1 26 ? -4.921  -1.330  8.133   1.00 24.76 ? 26  LYS A CB  1 
ATOM   189 C CG  . LYS A 1 26 ? -6.478  -1.349  8.114   1.00 25.21 ? 26  LYS A CG  1 
ATOM   190 C CD  . LYS A 1 26 ? -7.144  -1.272  9.475   1.00 26.37 ? 26  LYS A CD  1 
ATOM   191 C CE  . LYS A 1 26 ? -6.931  -2.512  10.290  1.00 26.39 ? 26  LYS A CE  1 
ATOM   192 N NZ  . LYS A 1 26 ? -7.439  -3.779  9.670   1.00 23.54 ? 26  LYS A NZ  1 
ATOM   193 N N   . VAL A 1 27 ? -2.372  -0.372  6.096   1.00 23.20 ? 27  VAL A N   1 
ATOM   194 C CA  . VAL A 1 27 ? -0.999  -0.159  5.692   1.00 22.51 ? 27  VAL A CA  1 
ATOM   195 C C   . VAL A 1 27 ? -0.520  1.117   6.351   1.00 22.47 ? 27  VAL A C   1 
ATOM   196 O O   . VAL A 1 27 ? -1.209  2.138   6.304   1.00 23.81 ? 27  VAL A O   1 
ATOM   197 C CB  . VAL A 1 27 ? -0.912  -0.007  4.183   1.00 22.96 ? 27  VAL A CB  1 
ATOM   198 C CG1 . VAL A 1 27 ? 0.512   0.140   3.709   1.00 24.62 ? 27  VAL A CG1 1 
ATOM   199 C CG2 . VAL A 1 27 ? -1.593  -1.188  3.504   1.00 24.21 ? 27  VAL A CG2 1 
ATOM   200 N N   . GLN A 1 28 ? 0.643   1.057   6.981   1.00 23.50 ? 28  GLN A N   1 
ATOM   201 C CA  . GLN A 1 28 ? 1.265   2.256   7.520   1.00 24.32 ? 28  GLN A CA  1 
ATOM   202 C C   . GLN A 1 28 ? 1.847   3.028   6.342   1.00 24.57 ? 28  GLN A C   1 
ATOM   203 O O   . GLN A 1 28 ? 2.687   2.512   5.636   1.00 25.04 ? 28  GLN A O   1 
ATOM   204 C CB  . GLN A 1 28 ? 2.368   1.899   8.511   1.00 23.85 ? 28  GLN A CB  1 
ATOM   205 C CG  . GLN A 1 28 ? 3.009   3.117   9.127   1.00 25.23 ? 28  GLN A CG  1 
ATOM   206 C CD  . GLN A 1 28 ? 4.025   2.793   10.220  1.00 26.25 ? 28  GLN A CD  1 
ATOM   207 O OE1 . GLN A 1 28 ? 4.423   1.642   10.414  1.00 32.84 ? 28  GLN A OE1 1 
ATOM   208 N NE2 . GLN A 1 28 ? 4.412   3.819   10.967  1.00 31.11 ? 28  GLN A NE2 1 
ATOM   209 N N   . LEU A 1 29 ? 1.406   4.270   6.128   1.00 25.05 ? 29  LEU A N   1 
ATOM   210 C CA  . LEU A 1 29 ? 1.894   5.052   5.005   1.00 25.86 ? 29  LEU A CA  1 
ATOM   211 C C   . LEU A 1 29 ? 3.195   5.724   5.393   1.00 25.80 ? 29  LEU A C   1 
ATOM   212 O O   . LEU A 1 29 ? 3.208   6.566   6.308   1.00 28.18 ? 29  LEU A O   1 
ATOM   213 C CB  . LEU A 1 29 ? 0.824   6.082   4.590   1.00 27.28 ? 29  LEU A CB  1 
ATOM   214 C CG  . LEU A 1 29 ? 1.099   7.031   3.436   1.00 27.37 ? 29  LEU A CG  1 
ATOM   215 C CD1 . LEU A 1 29 ? 1.661   6.341   2.211   1.00 31.31 ? 29  LEU A CD1 1 
ATOM   216 C CD2 . LEU A 1 29 ? -0.199  7.809   3.098   1.00 28.89 ? 29  LEU A CD2 1 
ATOM   217 N N   . LEU A 1 30 ? 4.294   5.346   4.740   1.00 22.97 ? 30  LEU A N   1 
ATOM   218 C CA  . LEU A 1 30 ? 5.616   5.882   5.067   1.00 24.34 ? 30  LEU A CA  1 
ATOM   219 C C   . LEU A 1 30 ? 5.965   7.125   4.237   1.00 21.91 ? 30  LEU A C   1 
ATOM   220 O O   . LEU A 1 30 ? 6.536   8.112   4.763   1.00 21.94 ? 30  LEU A O   1 
ATOM   221 C CB  . LEU A 1 30 ? 6.689   4.824   4.845   1.00 24.52 ? 30  LEU A CB  1 
ATOM   222 C CG  . LEU A 1 30 ? 6.525   3.560   5.711   1.00 27.47 ? 30  LEU A CG  1 
ATOM   223 C CD1 . LEU A 1 30 ? 7.358   2.401   5.182   1.00 26.04 ? 30  LEU A CD1 1 
ATOM   224 C CD2 . LEU A 1 30 ? 6.934   3.862   7.142   1.00 27.82 ? 30  LEU A CD2 1 
ATOM   225 N N   . GLU A 1 31 ? 5.653   7.092   2.947   1.00 22.41 ? 31  GLU A N   1 
ATOM   226 C CA  . GLU A 1 31 ? 5.943   8.231   2.051   1.00 22.61 ? 31  GLU A CA  1 
ATOM   227 C C   . GLU A 1 31 ? 4.992   8.239   0.858   1.00 21.99 ? 31  GLU A C   1 
ATOM   228 O O   . GLU A 1 31 ? 4.667   7.182   0.283   1.00 24.43 ? 31  GLU A O   1 
ATOM   229 C CB  . GLU A 1 31 ? 7.362   8.119   1.524   1.00 22.14 ? 31  GLU A CB  1 
ATOM   230 C CG  . GLU A 1 31 ? 7.879   9.372   0.811   1.00 23.96 ? 31  GLU A CG  1 
ATOM   231 C CD  . GLU A 1 31 ? 9.354   9.271   0.428   1.00 25.50 ? 31  GLU A CD  1 
ATOM   232 O OE1 . GLU A 1 31 ? 10.022  8.277   0.803   1.00 29.87 ? 31  GLU A OE1 1 
ATOM   233 O OE2 . GLU A 1 31 ? 9.830   10.164  -0.283  1.00 29.90 ? 31  GLU A OE2 1 
ATOM   234 N N   . LYS A 1 32 ? 4.512   9.422   0.476   1.00 21.34 ? 32  LYS A N   1 
ATOM   235 C CA  . LYS A 1 32 ? 3.785   9.528   -0.767  1.00 21.67 ? 32  LYS A CA  1 
ATOM   236 C C   . LYS A 1 32 ? 4.803   9.854   -1.852  1.00 21.05 ? 32  LYS A C   1 
ATOM   237 O O   . LYS A 1 32 ? 5.234   10.999  -1.965  1.00 20.56 ? 32  LYS A O   1 
ATOM   238 C CB  . LYS A 1 32 ? 2.678   10.577  -0.679  1.00 23.12 ? 32  LYS A CB  1 
ATOM   239 C CG  . LYS A 1 32 ? 1.631   10.254  0.379   1.00 23.48 ? 32  LYS A CG  1 
ATOM   240 C CD  . LYS A 1 32 ? 0.512   11.276  0.358   1.00 24.85 ? 32  LYS A CD  1 
ATOM   241 C CE  . LYS A 1 32 ? -0.684  10.856  1.188   1.00 26.03 ? 32  LYS A CE  1 
ATOM   242 N NZ  . LYS A 1 32 ? -1.905  11.693  0.881   1.00 30.64 ? 32  LYS A NZ  1 
ATOM   243 N N   . LEU A 1 33 ? 5.207   8.858   -2.622  1.00 22.71 ? 33  LEU A N   1 
ATOM   244 C CA  . LEU A 1 33 ? 6.287   9.052   -3.629  1.00 21.26 ? 33  LEU A CA  1 
ATOM   245 C C   . LEU A 1 33 ? 5.856   9.983   -4.786  1.00 22.03 ? 33  LEU A C   1 
ATOM   246 O O   . LEU A 1 33 ? 6.646   10.771  -5.285  1.00 20.27 ? 33  LEU A O   1 
ATOM   247 C CB  . LEU A 1 33 ? 6.754   7.684   -4.162  1.00 21.89 ? 33  LEU A CB  1 
ATOM   248 C CG  . LEU A 1 33 ? 7.281   6.721   -3.100  1.00 22.27 ? 33  LEU A CG  1 
ATOM   249 C CD1 . LEU A 1 33 ? 7.579   5.357   -3.697  1.00 27.58 ? 33  LEU A CD1 1 
ATOM   250 C CD2 . LEU A 1 33 ? 8.502   7.305   -2.422  1.00 26.69 ? 33  LEU A CD2 1 
ATOM   251 N N   . SER A 1 34 ? 4.602   9.826   -5.219  1.00 20.46 ? 34  SER A N   1 
ATOM   252 C CA  . SER A 1 34 ? 3.957   10.625  -6.243  1.00 20.85 ? 34  SER A CA  1 
ATOM   253 C C   . SER A 1 34 ? 2.433   10.413  -6.073  1.00 22.10 ? 34  SER A C   1 
ATOM   254 O O   . SER A 1 34 ? 1.997   9.641   -5.191  1.00 22.01 ? 34  SER A O   1 
ATOM   255 C CB  . SER A 1 34 ? 4.406   10.173  -7.626  1.00 19.90 ? 34  SER A CB  1 
ATOM   256 O OG  . SER A 1 34 ? 3.743   8.939   -7.940  1.00 20.72 ? 34  SER A OG  1 
ATOM   257 N N   . PRO A 1 35 ? 1.617   11.090  -6.902  1.00 22.76 ? 35  PRO A N   1 
ATOM   258 C CA  . PRO A 1 35 ? 0.194   10.848  -6.843  1.00 22.65 ? 35  PRO A CA  1 
ATOM   259 C C   . PRO A 1 35 ? -0.136  9.392   -7.101  1.00 23.49 ? 35  PRO A C   1 
ATOM   260 O O   . PRO A 1 35 ? -1.228  8.949   -6.728  1.00 24.85 ? 35  PRO A O   1 
ATOM   261 C CB  . PRO A 1 35 ? -0.365  11.710  -7.975  1.00 22.31 ? 35  PRO A CB  1 
ATOM   262 C CG  . PRO A 1 35 ? 0.665   12.775  -8.233  1.00 21.86 ? 35  PRO A CG  1 
ATOM   263 C CD  . PRO A 1 35 ? 1.974   12.159  -7.857  1.00 21.11 ? 35  PRO A CD  1 
ATOM   264 N N   . GLU A 1 36 ? 0.771   8.672   -7.758  1.00 23.34 ? 36  GLU A N   1 
ATOM   265 C CA  . GLU A 1 36 ? 0.438   7.347   -8.243  1.00 24.39 ? 36  GLU A CA  1 
ATOM   266 C C   . GLU A 1 36 ? 1.044   6.161   -7.506  1.00 23.81 ? 36  GLU A C   1 
ATOM   267 O O   . GLU A 1 36 ? 0.504   5.069   -7.607  1.00 23.65 ? 36  GLU A O   1 
ATOM   268 C CB  . GLU A 1 36 ? 0.742   7.282   -9.746  1.00 25.74 ? 36  GLU A CB  1 
ATOM   269 C CG  . GLU A 1 36 ? -0.273  8.168   -10.549 1.00 27.17 ? 36  GLU A CG  1 
ATOM   270 C CD  . GLU A 1 36 ? -0.219  7.977   -12.061 1.00 28.50 ? 36  GLU A CD  1 
ATOM   271 O OE1 . GLU A 1 36 ? 0.627   7.190   -12.552 1.00 31.48 ? 36  GLU A OE1 1 
ATOM   272 O OE2 . GLU A 1 36 ? -1.016  8.646   -12.756 1.00 28.75 ? 36  GLU A OE2 1 
ATOM   273 N N   . TRP A 1 37 ? 2.142   6.367   -6.780  1.00 25.18 ? 37  TRP A N   1 
ATOM   274 C CA  . TRP A 1 37 ? 2.819   5.342   -5.995  1.00 23.98 ? 37  TRP A CA  1 
ATOM   275 C C   . TRP A 1 37 ? 3.106   5.839   -4.576  1.00 24.44 ? 37  TRP A C   1 
ATOM   276 O O   . TRP A 1 37 ? 3.641   6.968   -4.396  1.00 23.10 ? 37  TRP A O   1 
ATOM   277 C CB  . TRP A 1 37 ? 4.132   4.936   -6.666  1.00 23.81 ? 37  TRP A CB  1 
ATOM   278 C CG  . TRP A 1 37 ? 3.904   4.151   -7.929  1.00 24.31 ? 37  TRP A CG  1 
ATOM   279 C CD1 . TRP A 1 37 ? 3.783   4.627   -9.202  1.00 25.32 ? 37  TRP A CD1 1 
ATOM   280 C CD2 . TRP A 1 37 ? 3.783   2.735   -8.013  1.00 25.06 ? 37  TRP A CD2 1 
ATOM   281 N NE1 . TRP A 1 37 ? 3.565   3.583   -10.088 1.00 25.76 ? 37  TRP A NE1 1 
ATOM   282 C CE2 . TRP A 1 37 ? 3.569   2.409   -9.384  1.00 23.32 ? 37  TRP A CE2 1 
ATOM   283 C CE3 . TRP A 1 37 ? 3.832   1.709   -7.072  1.00 24.94 ? 37  TRP A CE3 1 
ATOM   284 C CZ2 . TRP A 1 37 ? 3.393   1.079   -9.825  1.00 23.72 ? 37  TRP A CZ2 1 
ATOM   285 C CZ3 . TRP A 1 37 ? 3.640   0.383   -7.507  1.00 25.87 ? 37  TRP A CZ3 1 
ATOM   286 C CH2 . TRP A 1 37 ? 3.434   0.092   -8.878  1.00 25.17 ? 37  TRP A CH2 1 
ATOM   287 N N   . TYR A 1 38 ? 2.731   4.998   -3.603  1.00 24.88 ? 38  TYR A N   1 
ATOM   288 C CA  . TYR A 1 38 ? 3.049   5.153   -2.189  1.00 24.01 ? 38  TYR A CA  1 
ATOM   289 C C   . TYR A 1 38 ? 4.023   4.061   -1.707  1.00 23.86 ? 38  TYR A C   1 
ATOM   290 O O   . TYR A 1 38 ? 4.064   2.950   -2.278  1.00 25.79 ? 38  TYR A O   1 
ATOM   291 C CB  . TYR A 1 38 ? 1.775   5.062   -1.347  1.00 25.63 ? 38  TYR A CB  1 
ATOM   292 C CG  . TYR A 1 38 ? 0.757   6.175   -1.506  1.00 23.51 ? 38  TYR A CG  1 
ATOM   293 C CD1 . TYR A 1 38 ? 1.049   7.320   -2.225  1.00 24.92 ? 38  TYR A CD1 1 
ATOM   294 C CD2 . TYR A 1 38 ? -0.497  6.074   -0.892  1.00 25.12 ? 38  TYR A CD2 1 
ATOM   295 C CE1 . TYR A 1 38 ? 0.105   8.331   -2.379  1.00 24.20 ? 38  TYR A CE1 1 
ATOM   296 C CE2 . TYR A 1 38 ? -1.438  7.089   -1.019  1.00 27.09 ? 38  TYR A CE2 1 
ATOM   297 C CZ  . TYR A 1 38 ? -1.114  8.211   -1.745  1.00 24.98 ? 38  TYR A CZ  1 
ATOM   298 O OH  . TYR A 1 38 ? -1.997  9.250   -1.919  1.00 29.00 ? 38  TYR A OH  1 
ATOM   299 N N   . LYS A 1 39 ? 4.759   4.380   -0.640  1.00 23.87 ? 39  LYS A N   1 
ATOM   300 C CA  . LYS A 1 39 ? 5.599   3.459   0.112   1.00 23.57 ? 39  LYS A CA  1 
ATOM   301 C C   . LYS A 1 39 ? 4.935   3.196   1.467   1.00 23.31 ? 39  LYS A C   1 
ATOM   302 O O   . LYS A 1 39 ? 4.504   4.114   2.164   1.00 23.55 ? 39  LYS A O   1 
ATOM   303 C CB  . LYS A 1 39 ? 6.985   4.061   0.342   1.00 25.81 ? 39  LYS A CB  1 
ATOM   304 C CG  . LYS A 1 39 ? 7.974   3.105   0.943   1.00 24.99 ? 39  LYS A CG  1 
ATOM   305 C CD  . LYS A 1 39 ? 9.210   3.855   1.455   1.00 27.76 ? 39  LYS A CD  1 
ATOM   306 C CE  . LYS A 1 39 ? 10.172  2.884   2.155   1.00 32.68 ? 39  LYS A CE  1 
ATOM   307 N NZ  . LYS A 1 39 ? 10.187  1.573   1.446   1.00 38.58 ? 39  LYS A NZ  1 
ATOM   308 N N   . GLY A 1 40 ? 4.842   1.941   1.861   1.00 21.74 ? 40  GLY A N   1 
ATOM   309 C CA  . GLY A 1 40 ? 4.205   1.644   3.146   1.00 22.11 ? 40  GLY A CA  1 
ATOM   310 C C   . GLY A 1 40 ? 4.621   0.296   3.695   1.00 21.56 ? 40  GLY A C   1 
ATOM   311 O O   . GLY A 1 40 ? 5.436   -0.391  3.085   1.00 21.73 ? 40  GLY A O   1 
ATOM   312 N N   . SER A 1 41 ? 4.077   -0.030  4.862   1.00 22.38 ? 41  SER A N   1 
ATOM   313 C CA  . SER A 1 41 ? 4.333   -1.306  5.518   1.00 24.31 ? 41  SER A CA  1 
ATOM   314 C C   . SER A 1 41 ? 3.014   -1.942  5.956   1.00 25.53 ? 41  SER A C   1 
ATOM   315 O O   . SER A 1 41 ? 2.076   -1.246  6.354   1.00 24.86 ? 41  SER A O   1 
ATOM   316 C CB  . SER A 1 41 ? 5.296   -1.147  6.706   1.00 26.04 ? 41  SER A CB  1 
ATOM   317 O OG  . SER A 1 41 ? 4.699   -0.409  7.752   1.00 30.59 ? 41  SER A OG  1 
ATOM   318 N N   . CYS A 1 42 ? 2.956   -3.267  5.865   1.00 24.68 ? 42  CYS A N   1 
ATOM   319 C CA  . CYS A 1 42 ? 1.766   -4.025  6.237   1.00 24.84 ? 42  CYS A CA  1 
ATOM   320 C C   . CYS A 1 42 ? 2.196   -5.416  6.688   1.00 24.52 ? 42  CYS A C   1 
ATOM   321 O O   . CYS A 1 42 ? 2.862   -6.116  5.948   1.00 23.93 ? 42  CYS A O   1 
ATOM   322 C CB  . CYS A 1 42 ? 0.817   -4.175  5.040   1.00 26.02 ? 42  CYS A CB  1 
ATOM   323 S SG  . CYS A 1 42 ? -0.700  -5.040  5.415   1.00 28.55 ? 42  CYS A SG  1 
ATOM   324 N N   . ASN A 1 43 ? 1.796   -5.795  7.889   1.00 25.37 ? 43  ASN A N   1 
ATOM   325 C CA  . ASN A 1 43 ? 2.044   -7.126  8.402   1.00 25.73 ? 43  ASN A CA  1 
ATOM   326 C C   . ASN A 1 43 ? 3.519   -7.503  8.281   1.00 25.65 ? 43  ASN A C   1 
ATOM   327 O O   . ASN A 1 43 ? 3.849   -8.624  7.880   1.00 25.60 ? 43  ASN A O   1 
ATOM   328 C CB  . ASN A 1 43 ? 1.175   -8.129  7.639   1.00 25.90 ? 43  ASN A CB  1 
ATOM   329 C CG  . ASN A 1 43 ? -0.321  -7.865  7.810   1.00 29.54 ? 43  ASN A CG  1 
ATOM   330 O OD1 . ASN A 1 43 ? -0.745  -7.261  8.805   1.00 29.38 ? 43  ASN A OD1 1 
ATOM   331 N ND2 . ASN A 1 43 ? -1.136  -8.337  6.839   1.00 28.15 ? 43  ASN A ND2 1 
ATOM   332 N N   . GLY A 1 44 ? 4.405   -6.556  8.595   1.00 24.67 ? 44  GLY A N   1 
ATOM   333 C CA  . GLY A 1 44 ? 5.836   -6.831  8.600   1.00 24.75 ? 44  GLY A CA  1 
ATOM   334 C C   . GLY A 1 44 ? 6.568   -6.662  7.274   1.00 24.37 ? 44  GLY A C   1 
ATOM   335 O O   . GLY A 1 44 ? 7.787   -6.725  7.249   1.00 24.50 ? 44  GLY A O   1 
ATOM   336 N N   . ARG A 1 45 ? 5.839   -6.447  6.179   1.00 22.88 ? 45  ARG A N   1 
ATOM   337 C CA  . ARG A 1 45 ? 6.439   -6.246  4.845   1.00 23.88 ? 45  ARG A CA  1 
ATOM   338 C C   . ARG A 1 45 ? 6.478   -4.756  4.487   1.00 22.52 ? 45  ARG A C   1 
ATOM   339 O O   . ARG A 1 45 ? 5.524   -4.027  4.787   1.00 22.98 ? 45  ARG A O   1 
ATOM   340 C CB  . ARG A 1 45 ? 5.606   -6.990  3.774   1.00 23.99 ? 45  ARG A CB  1 
ATOM   341 C CG  . ARG A 1 45 ? 5.659   -8.507  3.833   1.00 27.59 ? 45  ARG A CG  1 
ATOM   342 C CD  . ARG A 1 45 ? 4.537   -9.143  2.999   1.00 30.17 ? 45  ARG A CD  1 
ATOM   343 N NE  . ARG A 1 45 ? 3.226   -8.746  3.518   1.00 34.74 ? 45  ARG A NE  1 
ATOM   344 C CZ  . ARG A 1 45 ? 2.303   -8.044  2.866   1.00 34.83 ? 45  ARG A CZ  1 
ATOM   345 N NH1 . ARG A 1 45 ? 2.481   -7.633  1.609   1.00 36.66 ? 45  ARG A NH1 1 
ATOM   346 N NH2 . ARG A 1 45 ? 1.183   -7.740  3.493   1.00 34.87 ? 45  ARG A NH2 1 
ATOM   347 N N   . THR A 1 46 ? 7.533   -4.320  3.792   1.00 22.30 ? 46  THR A N   1 
ATOM   348 C CA  . THR A 1 46 ? 7.668   -2.920  3.377   1.00 23.27 ? 46  THR A CA  1 
ATOM   349 C C   . THR A 1 46 ? 7.881   -2.880  1.850   1.00 24.06 ? 46  THR A C   1 
ATOM   350 O O   . THR A 1 46 ? 8.659   -3.647  1.316   1.00 24.80 ? 46  THR A O   1 
ATOM   351 C CB  . THR A 1 46 ? 8.832   -2.210  4.081   1.00 23.91 ? 46  THR A CB  1 
ATOM   352 O OG1 . THR A 1 46 ? 8.606   -2.199  5.500   1.00 24.56 ? 46  THR A OG1 1 
ATOM   353 C CG2 . THR A 1 46 ? 9.004   -0.766  3.582   1.00 23.48 ? 46  THR A CG2 1 
ATOM   354 N N   . GLY A 1 47 ? 7.151   -2.008  1.157   1.00 22.07 ? 47  GLY A N   1 
ATOM   355 C CA  . GLY A 1 47 ? 7.354   -1.826  -0.269  1.00 22.22 ? 47  GLY A CA  1 
ATOM   356 C C   . GLY A 1 47 ? 6.446   -0.748  -0.831  1.00 23.47 ? 47  GLY A C   1 
ATOM   357 O O   . GLY A 1 47 ? 5.830   0.026   -0.075  1.00 23.23 ? 47  GLY A O   1 
ATOM   358 N N   . ILE A 1 48 ? 6.323   -0.749  -2.154  1.00 22.52 ? 48  ILE A N   1 
ATOM   359 C CA  . ILE A 1 48 ? 5.558   0.252   -2.848  1.00 22.86 ? 48  ILE A CA  1 
ATOM   360 C C   . ILE A 1 48 ? 4.337   -0.360  -3.519  1.00 22.46 ? 48  ILE A C   1 
ATOM   361 O O   . ILE A 1 48 ? 4.324   -1.546  -3.887  1.00 23.55 ? 48  ILE A O   1 
ATOM   362 C CB  . ILE A 1 48 ? 6.429   1.069   -3.832  1.00 24.26 ? 48  ILE A CB  1 
ATOM   363 C CG1 . ILE A 1 48 ? 6.944   0.231   -4.993  1.00 24.38 ? 48  ILE A CG1 1 
ATOM   364 C CG2 . ILE A 1 48 ? 7.611   1.724   -3.079  1.00 25.37 ? 48  ILE A CG2 1 
ATOM   365 C CD1 . ILE A 1 48 ? 7.609   1.090   -6.085  1.00 25.94 ? 48  ILE A CD1 1 
ATOM   366 N N   . PHE A 1 49 ? 3.335   0.484   -3.700  1.00 22.67 ? 49  PHE A N   1 
ATOM   367 C CA  . PHE A 1 49 ? 2.059   0.049   -4.225  1.00 21.12 ? 49  PHE A CA  1 
ATOM   368 C C   . PHE A 1 49 ? 1.365   1.242   -4.856  1.00 21.78 ? 49  PHE A C   1 
ATOM   369 O O   . PHE A 1 49 ? 1.639   2.370   -4.454  1.00 21.99 ? 49  PHE A O   1 
ATOM   370 C CB  . PHE A 1 49 ? 1.190   -0.579  -3.127  1.00 21.25 ? 49  PHE A CB  1 
ATOM   371 C CG  . PHE A 1 49 ? 0.880   0.342   -2.003  1.00 21.92 ? 49  PHE A CG  1 
ATOM   372 C CD1 . PHE A 1 49 ? -0.269  1.138   -2.031  1.00 21.87 ? 49  PHE A CD1 1 
ATOM   373 C CD2 . PHE A 1 49 ? 1.752   0.471   -0.951  1.00 25.46 ? 49  PHE A CD2 1 
ATOM   374 C CE1 . PHE A 1 49 ? -0.554  2.041   -1.008  1.00 24.63 ? 49  PHE A CE1 1 
ATOM   375 C CE2 . PHE A 1 49 ? 1.479   1.345   0.079   1.00 22.22 ? 49  PHE A CE2 1 
ATOM   376 C CZ  . PHE A 1 49 ? 0.323   2.143   0.055   1.00 21.34 ? 49  PHE A CZ  1 
ATOM   377 N N   . PRO A 1 50 ? 0.486   1.028   -5.858  1.00 21.09 ? 50  PRO A N   1 
ATOM   378 C CA  . PRO A 1 50 ? -0.211  2.196   -6.424  1.00 22.85 ? 50  PRO A CA  1 
ATOM   379 C C   . PRO A 1 50 ? -1.239  2.826   -5.471  1.00 21.41 ? 50  PRO A C   1 
ATOM   380 O O   . PRO A 1 50 ? -1.988  2.143   -4.812  1.00 22.34 ? 50  PRO A O   1 
ATOM   381 C CB  . PRO A 1 50 ? -0.874  1.639   -7.683  1.00 21.52 ? 50  PRO A CB  1 
ATOM   382 C CG  . PRO A 1 50 ? -0.272  0.180   -7.831  1.00 24.56 ? 50  PRO A CG  1 
ATOM   383 C CD  . PRO A 1 50 ? 0.017   -0.231  -6.488  1.00 22.72 ? 50  PRO A CD  1 
ATOM   384 N N   . ALA A 1 51 ? -1.271  4.160   -5.430  1.00 23.52 ? 51  ALA A N   1 
ATOM   385 C CA  . ALA A 1 51 ? -2.102  4.903   -4.521  1.00 23.45 ? 51  ALA A CA  1 
ATOM   386 C C   . ALA A 1 51 ? -3.590  4.668   -4.691  1.00 23.28 ? 51  ALA A C   1 
ATOM   387 O O   . ALA A 1 51 ? -4.324  4.717   -3.704  1.00 23.82 ? 51  ALA A O   1 
ATOM   388 C CB  . ALA A 1 51 ? -1.810  6.408   -4.677  1.00 23.40 ? 51  ALA A CB  1 
ATOM   389 N N   . ASN A 1 52 ? -4.044  4.337   -5.907  1.00 22.28 ? 52  ASN A N   1 
ATOM   390 C CA  . ASN A 1 52 ? -5.475  4.161   -6.131  1.00 24.64 ? 52  ASN A CA  1 
ATOM   391 C C   . ASN A 1 52 ? -6.042  2.795   -5.655  1.00 23.41 ? 52  ASN A C   1 
ATOM   392 O O   . ASN A 1 52 ? -7.246  2.554   -5.794  1.00 24.51 ? 52  ASN A O   1 
ATOM   393 C CB  . ASN A 1 52 ? -5.856  4.442   -7.597  1.00 25.03 ? 52  ASN A CB  1 
ATOM   394 C CG  . ASN A 1 52 ? -5.316  3.406   -8.584  1.00 24.65 ? 52  ASN A CG  1 
ATOM   395 O OD1 . ASN A 1 52 ? -4.428  2.626   -8.253  1.00 23.99 ? 52  ASN A OD1 1 
ATOM   396 N ND2 . ASN A 1 52 ? -5.876  3.394   -9.816  1.00 26.10 ? 52  ASN A ND2 1 
ATOM   397 N N   . TYR A 1 53 ? -5.197  1.938   -5.077  1.00 23.98 ? 53  TYR A N   1 
ATOM   398 C CA  . TYR A 1 53 ? -5.647  0.700   -4.410  1.00 23.48 ? 53  TYR A CA  1 
ATOM   399 C C   . TYR A 1 53 ? -6.198  0.922   -2.987  1.00 24.75 ? 53  TYR A C   1 
ATOM   400 O O   . TYR A 1 53 ? -6.779  0.016   -2.396  1.00 23.34 ? 53  TYR A O   1 
ATOM   401 C CB  . TYR A 1 53 ? -4.498  -0.343  -4.384  1.00 24.55 ? 53  TYR A CB  1 
ATOM   402 C CG  . TYR A 1 53 ? -4.339  -1.055  -5.690  1.00 22.94 ? 53  TYR A CG  1 
ATOM   403 C CD1 . TYR A 1 53 ? -4.950  -2.302  -5.913  1.00 24.56 ? 53  TYR A CD1 1 
ATOM   404 C CD2 . TYR A 1 53 ? -3.629  -0.485  -6.740  1.00 24.71 ? 53  TYR A CD2 1 
ATOM   405 C CE1 . TYR A 1 53 ? -4.846  -2.919  -7.105  1.00 25.37 ? 53  TYR A CE1 1 
ATOM   406 C CE2 . TYR A 1 53 ? -3.540  -1.117  -7.972  1.00 25.02 ? 53  TYR A CE2 1 
ATOM   407 C CZ  . TYR A 1 53 ? -4.126  -2.352  -8.130  1.00 24.38 ? 53  TYR A CZ  1 
ATOM   408 O OH  . TYR A 1 53 ? -4.064  -2.994  -9.335  1.00 26.53 ? 53  TYR A OH  1 
ATOM   409 N N   . VAL A 1 54 ? -5.981  2.117   -2.418  1.00 24.28 ? 54  VAL A N   1 
ATOM   410 C CA  . VAL A 1 54 ? -6.304  2.370   -1.007  1.00 23.74 ? 54  VAL A CA  1 
ATOM   411 C C   . VAL A 1 54 ? -7.162  3.604   -0.741  1.00 24.87 ? 54  VAL A C   1 
ATOM   412 O O   . VAL A 1 54 ? -7.265  4.489   -1.592  1.00 23.86 ? 54  VAL A O   1 
ATOM   413 C CB  . VAL A 1 54 ? -5.003  2.542   -0.145  1.00 23.28 ? 54  VAL A CB  1 
ATOM   414 C CG1 . VAL A 1 54 ? -4.124  1.308   -0.248  1.00 24.23 ? 54  VAL A CG1 1 
ATOM   415 C CG2 . VAL A 1 54 ? -4.228  3.780   -0.547  1.00 21.52 ? 54  VAL A CG2 1 
ATOM   416 N N   . LYS A 1 55 ? -7.758  3.648   0.464   1.00 25.02 ? 55  LYS A N   1 
ATOM   417 C CA  . LYS A 1 55 ? -8.494  4.802   0.983   1.00 25.01 ? 55  LYS A CA  1 
ATOM   418 C C   . LYS A 1 55 ? -7.963  5.158   2.382   1.00 24.33 ? 55  LYS A C   1 
ATOM   419 O O   . LYS A 1 55 ? -7.240  4.349   2.998   1.00 22.72 ? 55  LYS A O   1 
ATOM   420 C CB  . LYS A 1 55 ? -10.004 4.515   1.057   1.00 25.89 ? 55  LYS A CB  1 
ATOM   421 C CG  . LYS A 1 55 ? -10.389 3.301   1.916   1.00 28.73 ? 55  LYS A CG  1 
ATOM   422 C CD  . LYS A 1 55 ? -11.873 3.262   2.228   1.00 28.81 ? 55  LYS A CD  1 
ATOM   423 C CE  . LYS A 1 55 ? -12.215 2.146   3.225   1.00 31.18 ? 55  LYS A CE  1 
ATOM   424 N NZ  . LYS A 1 55 ? -13.666 2.163   3.588   1.00 34.66 ? 55  LYS A NZ  1 
ATOM   425 N N   . PRO A 1 56 ? -8.299  6.361   2.876   1.00 24.16 ? 56  PRO A N   1 
ATOM   426 C CA  . PRO A 1 56 ? -7.879  6.742   4.228   1.00 23.58 ? 56  PRO A CA  1 
ATOM   427 C C   . PRO A 1 56 ? -8.434  5.791   5.290   1.00 23.77 ? 56  PRO A C   1 
ATOM   428 O O   . PRO A 1 56 ? -9.518  5.207   5.120   1.00 23.15 ? 56  PRO A O   1 
ATOM   429 C CB  . PRO A 1 56 ? -8.457  8.156   4.404   1.00 24.33 ? 56  PRO A CB  1 
ATOM   430 C CG  . PRO A 1 56 ? -8.608  8.660   3.042   1.00 24.90 ? 56  PRO A CG  1 
ATOM   431 C CD  . PRO A 1 56 ? -9.053  7.452   2.240   1.00 24.02 ? 56  PRO A CD  1 
ATOM   432 N N   . ALA A 1 57 ? -7.663  5.601   6.355   1.00 22.71 ? 57  ALA A N   1 
ATOM   433 C CA  . ALA A 1 57 ? -8.134  4.848   7.506   1.00 21.78 ? 57  ALA A CA  1 
ATOM   434 C C   . ALA A 1 57 ? -8.000  5.690   8.770   1.00 20.01 ? 57  ALA A C   1 
ATOM   435 O O   . ALA A 1 57 ? -8.986  5.968   9.441   1.00 18.33 ? 57  ALA A O   1 
ATOM   436 C CB  . ALA A 1 57 ? -7.369  3.539   7.653   1.00 22.06 ? 57  ALA A CB  1 
ATOM   437 N N   . PHE A 1 58 ? -6.770  6.102   9.093   1.00 19.30 ? 58  PHE A N   1 
ATOM   438 C CA  . PHE A 1 58 ? -6.531  6.984   10.233  1.00 19.98 ? 58  PHE A CA  1 
ATOM   439 C C   . PHE A 1 58 ? -5.156  7.614   10.226  1.00 18.59 ? 58  PHE A C   1 
ATOM   440 O O   . PHE A 1 58 ? -4.827  8.360   11.164  1.00 22.32 ? 58  PHE A O   1 
ATOM   441 C CB  . PHE A 1 58 ? -6.793  6.294   11.577  1.00 20.09 ? 58  PHE A CB  1 
ATOM   442 C CG  . PHE A 1 58 ? -6.000  5.033   11.787  1.00 20.12 ? 58  PHE A CG  1 
ATOM   443 C CD1 . PHE A 1 58 ? -4.795  5.071   12.463  1.00 21.11 ? 58  PHE A CD1 1 
ATOM   444 C CD2 . PHE A 1 58 ? -6.484  3.810   11.361  1.00 21.80 ? 58  PHE A CD2 1 
ATOM   445 C CE1 . PHE A 1 58 ? -4.069  3.914   12.693  1.00 20.94 ? 58  PHE A CE1 1 
ATOM   446 C CE2 . PHE A 1 58 ? -5.749  2.648   11.582  1.00 21.33 ? 58  PHE A CE2 1 
ATOM   447 C CZ  . PHE A 1 58 ? -4.541  2.715   12.255  1.00 21.38 ? 58  PHE A CZ  1 
ATOM   448 O OXT . PHE A 1 58 ? -4.406  7.494   9.260   1.00 21.41 ? 58  PHE A OXT 1 
HETATM 449 O O   . HOH B 2 .  ? 4.320   13.143  -3.484  1.00 18.21 ? 59  HOH A O   1 
HETATM 450 O O   . HOH B 2 .  ? -2.296  5.105   -8.370  1.00 20.15 ? 60  HOH A O   1 
HETATM 451 O O   . HOH B 2 .  ? 9.175   -2.503  -6.879  1.00 19.83 ? 61  HOH A O   1 
HETATM 452 O O   . HOH B 2 .  ? -6.340  -10.831 -8.428  1.00 23.21 ? 62  HOH A O   1 
HETATM 453 O O   . HOH B 2 .  ? 4.448   -3.810  9.411   1.00 28.09 ? 63  HOH A O   1 
HETATM 454 O O   . HOH B 2 .  ? 11.920  -8.261  -9.425  1.00 27.30 ? 64  HOH A O   1 
HETATM 455 O O   . HOH B 2 .  ? 1.941   7.673   -14.744 1.00 20.80 ? 65  HOH A O   1 
HETATM 456 O O   . HOH B 2 .  ? 0.006   -2.367  9.111   1.00 30.74 ? 66  HOH A O   1 
HETATM 457 O O   . HOH B 2 .  ? 4.407   -8.290  -0.761  1.00 29.16 ? 67  HOH A O   1 
HETATM 458 O O   . HOH B 2 .  ? -1.252  9.824   -15.231 1.00 24.90 ? 68  HOH A O   1 
HETATM 459 O O   . HOH B 2 .  ? -7.396  -5.967  -8.313  1.00 21.07 ? 69  HOH A O   1 
HETATM 460 O O   . HOH B 2 .  ? -9.741  -3.744  7.806   1.00 23.15 ? 70  HOH A O   1 
HETATM 461 O O   . HOH B 2 .  ? -12.059 -5.355  -3.834  1.00 23.86 ? 71  HOH A O   1 
HETATM 462 O O   . HOH B 2 .  ? -2.764  -6.125  -9.214  1.00 30.85 ? 72  HOH A O   1 
HETATM 463 O O   . HOH B 2 .  ? 8.145   -5.857  -0.199  1.00 35.46 ? 73  HOH A O   1 
HETATM 464 O O   . HOH B 2 .  ? -10.632 2.563   6.279   1.00 23.11 ? 74  HOH A O   1 
HETATM 465 O O   . HOH B 2 .  ? -11.988 3.559   -5.441  1.00 27.36 ? 75  HOH A O   1 
HETATM 466 O O   . HOH B 2 .  ? -3.163  10.140  -5.425  1.00 31.17 ? 76  HOH A O   1 
HETATM 467 O O   . HOH B 2 .  ? 6.363   -5.460  -12.564 1.00 31.01 ? 77  HOH A O   1 
HETATM 468 O O   . HOH B 2 .  ? -1.826  -9.365  2.392   1.00 38.48 ? 78  HOH A O   1 
HETATM 469 O O   . HOH B 2 .  ? 4.894   6.406   9.370   1.00 39.24 ? 79  HOH A O   1 
HETATM 470 O O   . HOH B 2 .  ? -3.492  4.660   -12.821 1.00 52.66 ? 80  HOH A O   1 
HETATM 471 O O   . HOH B 2 .  ? -2.483  8.962   11.924  1.00 45.32 ? 81  HOH A O   1 
HETATM 472 O O   . HOH B 2 .  ? -3.782  7.251   -8.672  1.00 28.43 ? 82  HOH A O   1 
HETATM 473 O O   . HOH B 2 .  ? -12.936 -7.186  -2.208  1.00 31.46 ? 83  HOH A O   1 
HETATM 474 O O   . HOH B 2 .  ? 10.899  -0.288  -7.509  1.00 32.87 ? 84  HOH A O   1 
HETATM 475 O O   . HOH B 2 .  ? -5.146  6.747   -11.121 1.00 28.57 ? 85  HOH A O   1 
HETATM 476 O O   . HOH B 2 .  ? -0.220  -8.532  -11.605 1.00 40.84 ? 86  HOH A O   1 
HETATM 477 O O   . HOH B 2 .  ? 13.191  -0.990  -7.683  1.00 34.49 ? 87  HOH A O   1 
HETATM 478 O O   . HOH B 2 .  ? -8.351  6.670   -7.744  1.00 36.99 ? 88  HOH A O   1 
HETATM 479 O O   . HOH B 2 .  ? -5.095  8.413   -13.040 1.00 31.27 ? 89  HOH A O   1 
HETATM 480 O O   . HOH B 2 .  ? 17.484  -3.712  -7.590  1.00 45.24 ? 90  HOH A O   1 
HETATM 481 O O   . HOH B 2 .  ? -5.440  6.989   -2.509  1.00 32.66 ? 91  HOH A O   1 
HETATM 482 O O   . HOH B 2 .  ? -0.635  -9.758  0.181   1.00 38.97 ? 92  HOH A O   1 
HETATM 483 O O   . HOH B 2 .  ? 5.793   -11.349 6.288   1.00 51.01 ? 93  HOH A O   1 
HETATM 484 O O   . HOH B 2 .  ? 1.759   8.806   12.805  1.00 45.97 ? 94  HOH A O   1 
HETATM 485 O O   . HOH B 2 .  ? 2.648   -1.779  9.347   1.00 31.05 ? 95  HOH A O   1 
HETATM 486 O O   . HOH B 2 .  ? -5.505  7.973   6.164   1.00 42.29 ? 96  HOH A O   1 
HETATM 487 O O   . HOH B 2 .  ? 2.046   12.511  7.028   1.00 40.49 ? 97  HOH A O   1 
HETATM 488 O O   . HOH B 2 .  ? 10.220  -1.041  -2.660  1.00 30.55 ? 98  HOH A O   1 
HETATM 489 O O   . HOH B 2 .  ? -2.352  1.921   15.729  1.00 56.55 ? 99  HOH A O   1 
HETATM 490 O O   . HOH B 2 .  ? 11.152  1.303   -4.809  1.00 30.25 ? 100 HOH A O   1 
HETATM 491 O O   . HOH B 2 .  ? 8.887   11.818  -4.031  1.00 36.78 ? 101 HOH A O   1 
HETATM 492 O O   . HOH B 2 .  ? -5.916  7.544   -6.615  1.00 36.04 ? 102 HOH A O   1 
HETATM 493 O O   . HOH B 2 .  ? 11.482  -3.202  1.263   1.00 38.16 ? 103 HOH A O   1 
HETATM 494 O O   . HOH B 2 .  ? -6.418  7.482   -0.177  1.00 38.85 ? 104 HOH A O   1 
HETATM 495 O O   . HOH B 2 .  ? -3.258  -1.458  -11.406 1.00 38.35 ? 105 HOH A O   1 
HETATM 496 O O   . HOH B 2 .  ? 9.714   -0.396  7.173   1.00 40.13 ? 106 HOH A O   1 
HETATM 497 O O   . HOH B 2 .  ? 2.277   6.419   11.416  1.00 40.91 ? 107 HOH A O   1 
HETATM 498 O O   . HOH B 2 .  ? -11.598 -2.534  1.953   1.00 35.84 ? 108 HOH A O   1 
HETATM 499 O O   . HOH B 2 .  ? 3.722   -3.919  -10.350 1.00 42.88 ? 109 HOH A O   1 
HETATM 500 O O   . HOH B 2 .  ? -0.942  -5.989  11.331  1.00 48.18 ? 110 HOH A O   1 
HETATM 501 O O   . HOH B 2 .  ? -12.882 -5.171  1.218   1.00 48.99 ? 111 HOH A O   1 
HETATM 502 O O   . HOH B 2 .  ? -6.286  -4.373  -10.269 1.00 40.96 ? 112 HOH A O   1 
HETATM 503 O O   . HOH B 2 .  ? 13.369  -0.159  0.946   1.00 50.19 ? 113 HOH A O   1 
HETATM 504 O O   . HOH B 2 .  ? 3.266   -10.431 6.081   1.00 48.24 ? 114 HOH A O   1 
HETATM 505 O O   . HOH B 2 .  ? -0.514  3.588   -11.612 1.00 45.32 ? 115 HOH A O   1 
HETATM 506 O O   . HOH B 2 .  ? 1.586   -11.555 -7.959  1.00 38.55 ? 116 HOH A O   1 
HETATM 507 O O   . HOH B 2 .  ? -0.277  -9.462  4.608   1.00 37.95 ? 117 HOH A O   1 
# 
loop_
_pdbx_poly_seq_scheme.asym_id 
_pdbx_poly_seq_scheme.entity_id 
_pdbx_poly_seq_scheme.seq_id 
_pdbx_poly_seq_scheme.mon_id 
_pdbx_poly_seq_scheme.ndb_seq_num 
_pdbx_poly_seq_scheme.pdb_seq_num 
_pdbx_poly_seq_scheme.auth_seq_num 
_pdbx_poly_seq_scheme.pdb_mon_id 
_pdbx_poly_seq_scheme.auth_mon_id 
_pdbx_poly_seq_scheme.pdb_strand_id 
_pdbx_poly_seq_scheme.pdb_ins_code 
_pdbx_poly_seq_scheme.hetero 
A 1 1  GLY 1  1  ?  ?   ?   A . n 
A 1 2  MET 2  2  ?  ?   ?   A . n 
A 1 3  GLU 3  3  3  GLU GLU A . n 
A 1 4  TYR 4  4  4  TYR TYR A . n 
A 1 5  VAL 5  5  5  VAL VAL A . n 
A 1 6  GLU 6  6  6  GLU GLU A . n 
A 1 7  ALA 7  7  7  ALA ALA A . n 
A 1 8  LEU 8  8  8  LEU LEU A . n 
A 1 9  TYR 9  9  9  TYR TYR A . n 
A 1 10 GLN 10 10 10 GLN GLN A . n 
A 1 11 PHE 11 11 11 PHE PHE A . n 
A 1 12 ASP 12 12 12 ASP ASP A . n 
A 1 13 PRO 13 13 13 PRO PRO A . n 
A 1 14 GLN 14 14 14 GLN GLN A . n 
A 1 15 GLN 15 15 15 GLN GLN A . n 
A 1 16 ASP 16 16 16 ASP ASP A . n 
A 1 17 GLY 17 17 17 GLY GLY A . n 
A 1 18 ASP 18 18 18 ASP ASP A . n 
A 1 19 LEU 19 19 19 LEU LEU A . n 
A 1 20 GLY 20 20 20 GLY GLY A . n 
A 1 21 LEU 21 21 21 LEU LEU A . n 
A 1 22 LYS 22 22 22 LYS LYS A . n 
A 1 23 PRO 23 23 23 PRO PRO A . n 
A 1 24 GLY 24 24 24 GLY GLY A . n 
A 1 25 ASP 25 25 25 ASP ASP A . n 
A 1 26 LYS 26 26 26 LYS LYS A . n 
A 1 27 VAL 27 27 27 VAL VAL A . n 
A 1 28 GLN 28 28 28 GLN GLN A . n 
A 1 29 LEU 29 29 29 LEU LEU A . n 
A 1 30 LEU 30 30 30 LEU LEU A . n 
A 1 31 GLU 31 31 31 GLU GLU A . n 
A 1 32 LYS 32 32 32 LYS LYS A . n 
A 1 33 LEU 33 33 33 LEU LEU A . n 
A 1 34 SER 34 34 34 SER SER A . n 
A 1 35 PRO 35 35 35 PRO PRO A . n 
A 1 36 GLU 36 36 36 GLU GLU A . n 
A 1 37 TRP 37 37 37 TRP TRP A . n 
A 1 38 TYR 38 38 38 TYR TYR A . n 
A 1 39 LYS 39 39 39 LYS LYS A . n 
A 1 40 GLY 40 40 40 GLY GLY A . n 
A 1 41 SER 41 41 41 SER SER A . n 
A 1 42 CYS 42 42 42 CYS CYS A . n 
A 1 43 ASN 43 43 43 ASN ASN A . n 
A 1 44 GLY 44 44 44 GLY GLY A . n 
A 1 45 ARG 45 45 45 ARG ARG A . n 
A 1 46 THR 46 46 46 THR THR A . n 
A 1 47 GLY 47 47 47 GLY GLY A . n 
A 1 48 ILE 48 48 48 ILE ILE A . n 
A 1 49 PHE 49 49 49 PHE PHE A . n 
A 1 50 PRO 50 50 50 PRO PRO A . n 
A 1 51 ALA 51 51 51 ALA ALA A . n 
A 1 52 ASN 52 52 52 ASN ASN A . n 
A 1 53 TYR 53 53 53 TYR TYR A . n 
A 1 54 VAL 54 54 54 VAL VAL A . n 
A 1 55 LYS 55 55 55 LYS LYS A . n 
A 1 56 PRO 56 56 56 PRO PRO A . n 
A 1 57 ALA 57 57 57 ALA ALA A . n 
A 1 58 PHE 58 58 58 PHE PHE A . n 
# 
loop_
_pdbx_nonpoly_scheme.asym_id 
_pdbx_nonpoly_scheme.entity_id 
_pdbx_nonpoly_scheme.mon_id 
_pdbx_nonpoly_scheme.ndb_seq_num 
_pdbx_nonpoly_scheme.pdb_seq_num 
_pdbx_nonpoly_scheme.auth_seq_num 
_pdbx_nonpoly_scheme.pdb_mon_id 
_pdbx_nonpoly_scheme.auth_mon_id 
_pdbx_nonpoly_scheme.pdb_strand_id 
_pdbx_nonpoly_scheme.pdb_ins_code 
B 2 HOH 1  59  1  HOH HOH A . 
B 2 HOH 2  60  2  HOH HOH A . 
B 2 HOH 3  61  3  HOH HOH A . 
B 2 HOH 4  62  4  HOH HOH A . 
B 2 HOH 5  63  5  HOH HOH A . 
B 2 HOH 6  64  7  HOH HOH A . 
B 2 HOH 7  65  8  HOH HOH A . 
B 2 HOH 8  66  9  HOH HOH A . 
B 2 HOH 9  67  10 HOH HOH A . 
B 2 HOH 10 68  11 HOH HOH A . 
B 2 HOH 11 69  12 HOH HOH A . 
B 2 HOH 12 70  13 HOH HOH A . 
B 2 HOH 13 71  14 HOH HOH A . 
B 2 HOH 14 72  15 HOH HOH A . 
B 2 HOH 15 73  16 HOH HOH A . 
B 2 HOH 16 74  17 HOH HOH A . 
B 2 HOH 17 75  18 HOH HOH A . 
B 2 HOH 18 76  20 HOH HOH A . 
B 2 HOH 19 77  21 HOH HOH A . 
B 2 HOH 20 78  22 HOH HOH A . 
B 2 HOH 21 79  23 HOH HOH A . 
B 2 HOH 22 80  24 HOH HOH A . 
B 2 HOH 23 81  25 HOH HOH A . 
B 2 HOH 24 82  26 HOH HOH A . 
B 2 HOH 25 83  27 HOH HOH A . 
B 2 HOH 26 84  28 HOH HOH A . 
B 2 HOH 27 85  29 HOH HOH A . 
B 2 HOH 28 86  30 HOH HOH A . 
B 2 HOH 29 87  31 HOH HOH A . 
B 2 HOH 30 88  32 HOH HOH A . 
B 2 HOH 31 89  33 HOH HOH A . 
B 2 HOH 32 90  34 HOH HOH A . 
B 2 HOH 33 91  35 HOH HOH A . 
B 2 HOH 34 92  36 HOH HOH A . 
B 2 HOH 35 93  37 HOH HOH A . 
B 2 HOH 36 94  38 HOH HOH A . 
B 2 HOH 37 95  40 HOH HOH A . 
B 2 HOH 38 96  41 HOH HOH A . 
B 2 HOH 39 97  42 HOH HOH A . 
B 2 HOH 40 98  43 HOH HOH A . 
B 2 HOH 41 99  44 HOH HOH A . 
B 2 HOH 42 100 45 HOH HOH A . 
B 2 HOH 43 101 46 HOH HOH A . 
B 2 HOH 44 102 47 HOH HOH A . 
B 2 HOH 45 103 48 HOH HOH A . 
B 2 HOH 46 104 49 HOH HOH A . 
B 2 HOH 47 105 50 HOH HOH A . 
B 2 HOH 48 106 51 HOH HOH A . 
B 2 HOH 49 107 52 HOH HOH A . 
B 2 HOH 50 108 53 HOH HOH A . 
B 2 HOH 51 109 54 HOH HOH A . 
B 2 HOH 52 110 55 HOH HOH A . 
B 2 HOH 53 111 56 HOH HOH A . 
B 2 HOH 54 112 57 HOH HOH A . 
B 2 HOH 55 113 58 HOH HOH A . 
B 2 HOH 56 114 59 HOH HOH A . 
B 2 HOH 57 115 60 HOH HOH A . 
B 2 HOH 58 116 61 HOH HOH A . 
B 2 HOH 59 117 62 HOH HOH A . 
# 
_pdbx_struct_assembly.id                   1 
_pdbx_struct_assembly.details              author_defined_assembly 
_pdbx_struct_assembly.method_details       ? 
_pdbx_struct_assembly.oligomeric_details   monomeric 
_pdbx_struct_assembly.oligomeric_count     1 
# 
_pdbx_struct_assembly_gen.assembly_id       1 
_pdbx_struct_assembly_gen.oper_expression   1 
_pdbx_struct_assembly_gen.asym_id_list      A,B 
# 
_pdbx_struct_oper_list.id                   1 
_pdbx_struct_oper_list.type                 'identity operation' 
_pdbx_struct_oper_list.name                 1_555 
_pdbx_struct_oper_list.symmetry_operation   x,y,z 
_pdbx_struct_oper_list.matrix[1][1]         1.0000000000 
_pdbx_struct_oper_list.matrix[1][2]         0.0000000000 
_pdbx_struct_oper_list.matrix[1][3]         0.0000000000 
_pdbx_struct_oper_list.vector[1]            0.0000000000 
_pdbx_struct_oper_list.matrix[2][1]         0.0000000000 
_pdbx_struct_oper_list.matrix[2][2]         1.0000000000 
_pdbx_struct_oper_list.matrix[2][3]         0.0000000000 
_pdbx_struct_oper_list.vector[2]            0.0000000000 
_pdbx_struct_oper_list.matrix[3][1]         0.0000000000 
_pdbx_struct_oper_list.matrix[3][2]         0.0000000000 
_pdbx_struct_oper_list.matrix[3][3]         1.0000000000 
_pdbx_struct_oper_list.vector[3]            0.0000000000 
# 
loop_
_pdbx_audit_revision_history.ordinal 
_pdbx_audit_revision_history.data_content_type 
_pdbx_audit_revision_history.major_revision 
_pdbx_audit_revision_history.minor_revision 
_pdbx_audit_revision_history.revision_date 
1 'Structure model' 1 0 2006-10-24 
2 'Structure model' 1 1 2008-04-30 
3 'Structure model' 1 2 2011-07-13 
4 'Structure model' 1 3 2023-08-23 
# 
_pdbx_audit_revision_details.ordinal             1 
_pdbx_audit_revision_details.revision_ordinal    1 
_pdbx_audit_revision_details.data_content_type   'Structure model' 
_pdbx_audit_revision_details.provider            repository 
_pdbx_audit_revision_details.type                'Initial release' 
_pdbx_audit_revision_details.description         ? 
_pdbx_audit_revision_details.details             ? 
# 
loop_
_pdbx_audit_revision_group.ordinal 
_pdbx_audit_revision_group.revision_ordinal 
_pdbx_audit_revision_group.data_content_type 
_pdbx_audit_revision_group.group 
1 2 'Structure model' 'Version format compliance' 
2 3 'Structure model' Advisory                    
3 3 'Structure model' 'Version format compliance' 
4 4 'Structure model' 'Data collection'           
5 4 'Structure model' 'Database references'       
6 4 'Structure model' 'Refinement description'    
# 
loop_
_pdbx_audit_revision_category.ordinal 
_pdbx_audit_revision_category.revision_ordinal 
_pdbx_audit_revision_category.data_content_type 
_pdbx_audit_revision_category.category 
1 4 'Structure model' chem_comp_atom                
2 4 'Structure model' chem_comp_bond                
3 4 'Structure model' database_2                    
4 4 'Structure model' diffrn_source                 
5 4 'Structure model' pdbx_initial_refinement_model 
6 4 'Structure model' struct_ref_seq_dif            
# 
loop_
_pdbx_audit_revision_item.ordinal 
_pdbx_audit_revision_item.revision_ordinal 
_pdbx_audit_revision_item.data_content_type 
_pdbx_audit_revision_item.item 
1 4 'Structure model' '_database_2.pdbx_DOI'                 
2 4 'Structure model' '_database_2.pdbx_database_accession'  
3 4 'Structure model' '_diffrn_source.pdbx_synchrotron_site' 
4 4 'Structure model' '_struct_ref_seq_dif.details'          
# 
_pdbx_refine_tls.id               1 
_pdbx_refine_tls.details          ? 
_pdbx_refine_tls.method           refined 
_pdbx_refine_tls.origin_x         -0.2235 
_pdbx_refine_tls.origin_y         0.2861 
_pdbx_refine_tls.origin_z         -0.1448 
_pdbx_refine_tls.T[1][1]          -0.1003 
_pdbx_refine_tls.T[2][2]          -0.1497 
_pdbx_refine_tls.T[3][3]          -0.1116 
_pdbx_refine_tls.T[1][2]          -0.0047 
_pdbx_refine_tls.T[1][3]          -0.0234 
_pdbx_refine_tls.T[2][3]          -0.0110 
_pdbx_refine_tls.L[1][1]          3.8351 
_pdbx_refine_tls.L[2][2]          1.3518 
_pdbx_refine_tls.L[3][3]          3.1547 
_pdbx_refine_tls.L[1][2]          0.2417 
_pdbx_refine_tls.L[1][3]          -1.1311 
_pdbx_refine_tls.L[2][3]          -0.7938 
_pdbx_refine_tls.S[1][1]          0.0064 
_pdbx_refine_tls.S[1][2]          -0.0972 
_pdbx_refine_tls.S[1][3]          -0.0811 
_pdbx_refine_tls.S[2][1]          0.0582 
_pdbx_refine_tls.S[2][2]          -0.0048 
_pdbx_refine_tls.S[2][3]          -0.0272 
_pdbx_refine_tls.S[3][1]          0.0316 
_pdbx_refine_tls.S[3][2]          -0.0139 
_pdbx_refine_tls.S[3][3]          -0.0016 
_pdbx_refine_tls.pdbx_refine_id   'X-RAY DIFFRACTION' 
# 
_pdbx_refine_tls_group.id                  1 
_pdbx_refine_tls_group.refine_tls_id       1 
_pdbx_refine_tls_group.beg_auth_asym_id    A 
_pdbx_refine_tls_group.beg_auth_seq_id     3 
_pdbx_refine_tls_group.beg_label_asym_id   A 
_pdbx_refine_tls_group.beg_label_seq_id    3 
_pdbx_refine_tls_group.end_auth_asym_id    A 
_pdbx_refine_tls_group.end_auth_seq_id     58 
_pdbx_refine_tls_group.end_label_asym_id   A 
_pdbx_refine_tls_group.end_label_seq_id    58 
_pdbx_refine_tls_group.selection           ? 
_pdbx_refine_tls_group.pdbx_refine_id      'X-RAY DIFFRACTION' 
_pdbx_refine_tls_group.selection_details   ? 
# 
loop_
_software.name 
_software.classification 
_software.version 
_software.citation_id 
_software.pdbx_ordinal 
REFMAC refinement       5.2.0005 ? 1 
XDS    'data reduction' .        ? 2 
XDS    'data scaling'   .        ? 3 
MOLREP phasing          .        ? 4 
# 
_pdbx_validate_torsion.id              1 
_pdbx_validate_torsion.PDB_model_num   1 
_pdbx_validate_torsion.auth_comp_id    ALA 
_pdbx_validate_torsion.auth_asym_id    A 
_pdbx_validate_torsion.auth_seq_id     57 
_pdbx_validate_torsion.PDB_ins_code    ? 
_pdbx_validate_torsion.label_alt_id    ? 
_pdbx_validate_torsion.phi             -124.84 
_pdbx_validate_torsion.psi             -59.89 
# 
loop_
_pdbx_unobs_or_zero_occ_residues.id 
_pdbx_unobs_or_zero_occ_residues.PDB_model_num 
_pdbx_unobs_or_zero_occ_residues.polymer_flag 
_pdbx_unobs_or_zero_occ_residues.occupancy_flag 
_pdbx_unobs_or_zero_occ_residues.auth_asym_id 
_pdbx_unobs_or_zero_occ_residues.auth_comp_id 
_pdbx_unobs_or_zero_occ_residues.auth_seq_id 
_pdbx_unobs_or_zero_occ_residues.PDB_ins_code 
_pdbx_unobs_or_zero_occ_residues.label_asym_id 
_pdbx_unobs_or_zero_occ_residues.label_comp_id 
_pdbx_unobs_or_zero_occ_residues.label_seq_id 
1 1 Y 1 A GLY 1 ? A GLY 1 
2 1 Y 1 A MET 2 ? A MET 2 
# 
loop_
_chem_comp_atom.comp_id 
_chem_comp_atom.atom_id 
_chem_comp_atom.type_symbol 
_chem_comp_atom.pdbx_aromatic_flag 
_chem_comp_atom.pdbx_stereo_config 
_chem_comp_atom.pdbx_ordinal 
ALA N    N N N 1   
ALA CA   C N S 2   
ALA C    C N N 3   
ALA O    O N N 4   
ALA CB   C N N 5   
ALA OXT  O N N 6   
ALA H    H N N 7   
ALA H2   H N N 8   
ALA HA   H N N 9   
ALA HB1  H N N 10  
ALA HB2  H N N 11  
ALA HB3  H N N 12  
ALA HXT  H N N 13  
ARG N    N N N 14  
ARG CA   C N S 15  
ARG C    C N N 16  
ARG O    O N N 17  
ARG CB   C N N 18  
ARG CG   C N N 19  
ARG CD   C N N 20  
ARG NE   N N N 21  
ARG CZ   C N N 22  
ARG NH1  N N N 23  
ARG NH2  N N N 24  
ARG OXT  O N N 25  
ARG H    H N N 26  
ARG H2   H N N 27  
ARG HA   H N N 28  
ARG HB2  H N N 29  
ARG HB3  H N N 30  
ARG HG2  H N N 31  
ARG HG3  H N N 32  
ARG HD2  H N N 33  
ARG HD3  H N N 34  
ARG HE   H N N 35  
ARG HH11 H N N 36  
ARG HH12 H N N 37  
ARG HH21 H N N 38  
ARG HH22 H N N 39  
ARG HXT  H N N 40  
ASN N    N N N 41  
ASN CA   C N S 42  
ASN C    C N N 43  
ASN O    O N N 44  
ASN CB   C N N 45  
ASN CG   C N N 46  
ASN OD1  O N N 47  
ASN ND2  N N N 48  
ASN OXT  O N N 49  
ASN H    H N N 50  
ASN H2   H N N 51  
ASN HA   H N N 52  
ASN HB2  H N N 53  
ASN HB3  H N N 54  
ASN HD21 H N N 55  
ASN HD22 H N N 56  
ASN HXT  H N N 57  
ASP N    N N N 58  
ASP CA   C N S 59  
ASP C    C N N 60  
ASP O    O N N 61  
ASP CB   C N N 62  
ASP CG   C N N 63  
ASP OD1  O N N 64  
ASP OD2  O N N 65  
ASP OXT  O N N 66  
ASP H    H N N 67  
ASP H2   H N N 68  
ASP HA   H N N 69  
ASP HB2  H N N 70  
ASP HB3  H N N 71  
ASP HD2  H N N 72  
ASP HXT  H N N 73  
CYS N    N N N 74  
CYS CA   C N R 75  
CYS C    C N N 76  
CYS O    O N N 77  
CYS CB   C N N 78  
CYS SG   S N N 79  
CYS OXT  O N N 80  
CYS H    H N N 81  
CYS H2   H N N 82  
CYS HA   H N N 83  
CYS HB2  H N N 84  
CYS HB3  H N N 85  
CYS HG   H N N 86  
CYS HXT  H N N 87  
GLN N    N N N 88  
GLN CA   C N S 89  
GLN C    C N N 90  
GLN O    O N N 91  
GLN CB   C N N 92  
GLN CG   C N N 93  
GLN CD   C N N 94  
GLN OE1  O N N 95  
GLN NE2  N N N 96  
GLN OXT  O N N 97  
GLN H    H N N 98  
GLN H2   H N N 99  
GLN HA   H N N 100 
GLN HB2  H N N 101 
GLN HB3  H N N 102 
GLN HG2  H N N 103 
GLN HG3  H N N 104 
GLN HE21 H N N 105 
GLN HE22 H N N 106 
GLN HXT  H N N 107 
GLU N    N N N 108 
GLU CA   C N S 109 
GLU C    C N N 110 
GLU O    O N N 111 
GLU CB   C N N 112 
GLU CG   C N N 113 
GLU CD   C N N 114 
GLU OE1  O N N 115 
GLU OE2  O N N 116 
GLU OXT  O N N 117 
GLU H    H N N 118 
GLU H2   H N N 119 
GLU HA   H N N 120 
GLU HB2  H N N 121 
GLU HB3  H N N 122 
GLU HG2  H N N 123 
GLU HG3  H N N 124 
GLU HE2  H N N 125 
GLU HXT  H N N 126 
GLY N    N N N 127 
GLY CA   C N N 128 
GLY C    C N N 129 
GLY O    O N N 130 
GLY OXT  O N N 131 
GLY H    H N N 132 
GLY H2   H N N 133 
GLY HA2  H N N 134 
GLY HA3  H N N 135 
GLY HXT  H N N 136 
HOH O    O N N 137 
HOH H1   H N N 138 
HOH H2   H N N 139 
ILE N    N N N 140 
ILE CA   C N S 141 
ILE C    C N N 142 
ILE O    O N N 143 
ILE CB   C N S 144 
ILE CG1  C N N 145 
ILE CG2  C N N 146 
ILE CD1  C N N 147 
ILE OXT  O N N 148 
ILE H    H N N 149 
ILE H2   H N N 150 
ILE HA   H N N 151 
ILE HB   H N N 152 
ILE HG12 H N N 153 
ILE HG13 H N N 154 
ILE HG21 H N N 155 
ILE HG22 H N N 156 
ILE HG23 H N N 157 
ILE HD11 H N N 158 
ILE HD12 H N N 159 
ILE HD13 H N N 160 
ILE HXT  H N N 161 
LEU N    N N N 162 
LEU CA   C N S 163 
LEU C    C N N 164 
LEU O    O N N 165 
LEU CB   C N N 166 
LEU CG   C N N 167 
LEU CD1  C N N 168 
LEU CD2  C N N 169 
LEU OXT  O N N 170 
LEU H    H N N 171 
LEU H2   H N N 172 
LEU HA   H N N 173 
LEU HB2  H N N 174 
LEU HB3  H N N 175 
LEU HG   H N N 176 
LEU HD11 H N N 177 
LEU HD12 H N N 178 
LEU HD13 H N N 179 
LEU HD21 H N N 180 
LEU HD22 H N N 181 
LEU HD23 H N N 182 
LEU HXT  H N N 183 
LYS N    N N N 184 
LYS CA   C N S 185 
LYS C    C N N 186 
LYS O    O N N 187 
LYS CB   C N N 188 
LYS CG   C N N 189 
LYS CD   C N N 190 
LYS CE   C N N 191 
LYS NZ   N N N 192 
LYS OXT  O N N 193 
LYS H    H N N 194 
LYS H2   H N N 195 
LYS HA   H N N 196 
LYS HB2  H N N 197 
LYS HB3  H N N 198 
LYS HG2  H N N 199 
LYS HG3  H N N 200 
LYS HD2  H N N 201 
LYS HD3  H N N 202 
LYS HE2  H N N 203 
LYS HE3  H N N 204 
LYS HZ1  H N N 205 
LYS HZ2  H N N 206 
LYS HZ3  H N N 207 
LYS HXT  H N N 208 
MET N    N N N 209 
MET CA   C N S 210 
MET C    C N N 211 
MET O    O N N 212 
MET CB   C N N 213 
MET CG   C N N 214 
MET SD   S N N 215 
MET CE   C N N 216 
MET OXT  O N N 217 
MET H    H N N 218 
MET H2   H N N 219 
MET HA   H N N 220 
MET HB2  H N N 221 
MET HB3  H N N 222 
MET HG2  H N N 223 
MET HG3  H N N 224 
MET HE1  H N N 225 
MET HE2  H N N 226 
MET HE3  H N N 227 
MET HXT  H N N 228 
PHE N    N N N 229 
PHE CA   C N S 230 
PHE C    C N N 231 
PHE O    O N N 232 
PHE CB   C N N 233 
PHE CG   C Y N 234 
PHE CD1  C Y N 235 
PHE CD2  C Y N 236 
PHE CE1  C Y N 237 
PHE CE2  C Y N 238 
PHE CZ   C Y N 239 
PHE OXT  O N N 240 
PHE H    H N N 241 
PHE H2   H N N 242 
PHE HA   H N N 243 
PHE HB2  H N N 244 
PHE HB3  H N N 245 
PHE HD1  H N N 246 
PHE HD2  H N N 247 
PHE HE1  H N N 248 
PHE HE2  H N N 249 
PHE HZ   H N N 250 
PHE HXT  H N N 251 
PRO N    N N N 252 
PRO CA   C N S 253 
PRO C    C N N 254 
PRO O    O N N 255 
PRO CB   C N N 256 
PRO CG   C N N 257 
PRO CD   C N N 258 
PRO OXT  O N N 259 
PRO H    H N N 260 
PRO HA   H N N 261 
PRO HB2  H N N 262 
PRO HB3  H N N 263 
PRO HG2  H N N 264 
PRO HG3  H N N 265 
PRO HD2  H N N 266 
PRO HD3  H N N 267 
PRO HXT  H N N 268 
SER N    N N N 269 
SER CA   C N S 270 
SER C    C N N 271 
SER O    O N N 272 
SER CB   C N N 273 
SER OG   O N N 274 
SER OXT  O N N 275 
SER H    H N N 276 
SER H2   H N N 277 
SER HA   H N N 278 
SER HB2  H N N 279 
SER HB3  H N N 280 
SER HG   H N N 281 
SER HXT  H N N 282 
THR N    N N N 283 
THR CA   C N S 284 
THR C    C N N 285 
THR O    O N N 286 
THR CB   C N R 287 
THR OG1  O N N 288 
THR CG2  C N N 289 
THR OXT  O N N 290 
THR H    H N N 291 
THR H2   H N N 292 
THR HA   H N N 293 
THR HB   H N N 294 
THR HG1  H N N 295 
THR HG21 H N N 296 
THR HG22 H N N 297 
THR HG23 H N N 298 
THR HXT  H N N 299 
TRP N    N N N 300 
TRP CA   C N S 301 
TRP C    C N N 302 
TRP O    O N N 303 
TRP CB   C N N 304 
TRP CG   C Y N 305 
TRP CD1  C Y N 306 
TRP CD2  C Y N 307 
TRP NE1  N Y N 308 
TRP CE2  C Y N 309 
TRP CE3  C Y N 310 
TRP CZ2  C Y N 311 
TRP CZ3  C Y N 312 
TRP CH2  C Y N 313 
TRP OXT  O N N 314 
TRP H    H N N 315 
TRP H2   H N N 316 
TRP HA   H N N 317 
TRP HB2  H N N 318 
TRP HB3  H N N 319 
TRP HD1  H N N 320 
TRP HE1  H N N 321 
TRP HE3  H N N 322 
TRP HZ2  H N N 323 
TRP HZ3  H N N 324 
TRP HH2  H N N 325 
TRP HXT  H N N 326 
TYR N    N N N 327 
TYR CA   C N S 328 
TYR C    C N N 329 
TYR O    O N N 330 
TYR CB   C N N 331 
TYR CG   C Y N 332 
TYR CD1  C Y N 333 
TYR CD2  C Y N 334 
TYR CE1  C Y N 335 
TYR CE2  C Y N 336 
TYR CZ   C Y N 337 
TYR OH   O N N 338 
TYR OXT  O N N 339 
TYR H    H N N 340 
TYR H2   H N N 341 
TYR HA   H N N 342 
TYR HB2  H N N 343 
TYR HB3  H N N 344 
TYR HD1  H N N 345 
TYR HD2  H N N 346 
TYR HE1  H N N 347 
TYR HE2  H N N 348 
TYR HH   H N N 349 
TYR HXT  H N N 350 
VAL N    N N N 351 
VAL CA   C N S 352 
VAL C    C N N 353 
VAL O    O N N 354 
VAL CB   C N N 355 
VAL CG1  C N N 356 
VAL CG2  C N N 357 
VAL OXT  O N N 358 
VAL H    H N N 359 
VAL H2   H N N 360 
VAL HA   H N N 361 
VAL HB   H N N 362 
VAL HG11 H N N 363 
VAL HG12 H N N 364 
VAL HG13 H N N 365 
VAL HG21 H N N 366 
VAL HG22 H N N 367 
VAL HG23 H N N 368 
VAL HXT  H N N 369 
# 
loop_
_chem_comp_bond.comp_id 
_chem_comp_bond.atom_id_1 
_chem_comp_bond.atom_id_2 
_chem_comp_bond.value_order 
_chem_comp_bond.pdbx_aromatic_flag 
_chem_comp_bond.pdbx_stereo_config 
_chem_comp_bond.pdbx_ordinal 
ALA N   CA   sing N N 1   
ALA N   H    sing N N 2   
ALA N   H2   sing N N 3   
ALA CA  C    sing N N 4   
ALA CA  CB   sing N N 5   
ALA CA  HA   sing N N 6   
ALA C   O    doub N N 7   
ALA C   OXT  sing N N 8   
ALA CB  HB1  sing N N 9   
ALA CB  HB2  sing N N 10  
ALA CB  HB3  sing N N 11  
ALA OXT HXT  sing N N 12  
ARG N   CA   sing N N 13  
ARG N   H    sing N N 14  
ARG N   H2   sing N N 15  
ARG CA  C    sing N N 16  
ARG CA  CB   sing N N 17  
ARG CA  HA   sing N N 18  
ARG C   O    doub N N 19  
ARG C   OXT  sing N N 20  
ARG CB  CG   sing N N 21  
ARG CB  HB2  sing N N 22  
ARG CB  HB3  sing N N 23  
ARG CG  CD   sing N N 24  
ARG CG  HG2  sing N N 25  
ARG CG  HG3  sing N N 26  
ARG CD  NE   sing N N 27  
ARG CD  HD2  sing N N 28  
ARG CD  HD3  sing N N 29  
ARG NE  CZ   sing N N 30  
ARG NE  HE   sing N N 31  
ARG CZ  NH1  sing N N 32  
ARG CZ  NH2  doub N N 33  
ARG NH1 HH11 sing N N 34  
ARG NH1 HH12 sing N N 35  
ARG NH2 HH21 sing N N 36  
ARG NH2 HH22 sing N N 37  
ARG OXT HXT  sing N N 38  
ASN N   CA   sing N N 39  
ASN N   H    sing N N 40  
ASN N   H2   sing N N 41  
ASN CA  C    sing N N 42  
ASN CA  CB   sing N N 43  
ASN CA  HA   sing N N 44  
ASN C   O    doub N N 45  
ASN C   OXT  sing N N 46  
ASN CB  CG   sing N N 47  
ASN CB  HB2  sing N N 48  
ASN CB  HB3  sing N N 49  
ASN CG  OD1  doub N N 50  
ASN CG  ND2  sing N N 51  
ASN ND2 HD21 sing N N 52  
ASN ND2 HD22 sing N N 53  
ASN OXT HXT  sing N N 54  
ASP N   CA   sing N N 55  
ASP N   H    sing N N 56  
ASP N   H2   sing N N 57  
ASP CA  C    sing N N 58  
ASP CA  CB   sing N N 59  
ASP CA  HA   sing N N 60  
ASP C   O    doub N N 61  
ASP C   OXT  sing N N 62  
ASP CB  CG   sing N N 63  
ASP CB  HB2  sing N N 64  
ASP CB  HB3  sing N N 65  
ASP CG  OD1  doub N N 66  
ASP CG  OD2  sing N N 67  
ASP OD2 HD2  sing N N 68  
ASP OXT HXT  sing N N 69  
CYS N   CA   sing N N 70  
CYS N   H    sing N N 71  
CYS N   H2   sing N N 72  
CYS CA  C    sing N N 73  
CYS CA  CB   sing N N 74  
CYS CA  HA   sing N N 75  
CYS C   O    doub N N 76  
CYS C   OXT  sing N N 77  
CYS CB  SG   sing N N 78  
CYS CB  HB2  sing N N 79  
CYS CB  HB3  sing N N 80  
CYS SG  HG   sing N N 81  
CYS OXT HXT  sing N N 82  
GLN N   CA   sing N N 83  
GLN N   H    sing N N 84  
GLN N   H2   sing N N 85  
GLN CA  C    sing N N 86  
GLN CA  CB   sing N N 87  
GLN CA  HA   sing N N 88  
GLN C   O    doub N N 89  
GLN C   OXT  sing N N 90  
GLN CB  CG   sing N N 91  
GLN CB  HB2  sing N N 92  
GLN CB  HB3  sing N N 93  
GLN CG  CD   sing N N 94  
GLN CG  HG2  sing N N 95  
GLN CG  HG3  sing N N 96  
GLN CD  OE1  doub N N 97  
GLN CD  NE2  sing N N 98  
GLN NE2 HE21 sing N N 99  
GLN NE2 HE22 sing N N 100 
GLN OXT HXT  sing N N 101 
GLU N   CA   sing N N 102 
GLU N   H    sing N N 103 
GLU N   H2   sing N N 104 
GLU CA  C    sing N N 105 
GLU CA  CB   sing N N 106 
GLU CA  HA   sing N N 107 
GLU C   O    doub N N 108 
GLU C   OXT  sing N N 109 
GLU CB  CG   sing N N 110 
GLU CB  HB2  sing N N 111 
GLU CB  HB3  sing N N 112 
GLU CG  CD   sing N N 113 
GLU CG  HG2  sing N N 114 
GLU CG  HG3  sing N N 115 
GLU CD  OE1  doub N N 116 
GLU CD  OE2  sing N N 117 
GLU OE2 HE2  sing N N 118 
GLU OXT HXT  sing N N 119 
GLY N   CA   sing N N 120 
GLY N   H    sing N N 121 
GLY N   H2   sing N N 122 
GLY CA  C    sing N N 123 
GLY CA  HA2  sing N N 124 
GLY CA  HA3  sing N N 125 
GLY C   O    doub N N 126 
GLY C   OXT  sing N N 127 
GLY OXT HXT  sing N N 128 
HOH O   H1   sing N N 129 
HOH O   H2   sing N N 130 
ILE N   CA   sing N N 131 
ILE N   H    sing N N 132 
ILE N   H2   sing N N 133 
ILE CA  C    sing N N 134 
ILE CA  CB   sing N N 135 
ILE CA  HA   sing N N 136 
ILE C   O    doub N N 137 
ILE C   OXT  sing N N 138 
ILE CB  CG1  sing N N 139 
ILE CB  CG2  sing N N 140 
ILE CB  HB   sing N N 141 
ILE CG1 CD1  sing N N 142 
ILE CG1 HG12 sing N N 143 
ILE CG1 HG13 sing N N 144 
ILE CG2 HG21 sing N N 145 
ILE CG2 HG22 sing N N 146 
ILE CG2 HG23 sing N N 147 
ILE CD1 HD11 sing N N 148 
ILE CD1 HD12 sing N N 149 
ILE CD1 HD13 sing N N 150 
ILE OXT HXT  sing N N 151 
LEU N   CA   sing N N 152 
LEU N   H    sing N N 153 
LEU N   H2   sing N N 154 
LEU CA  C    sing N N 155 
LEU CA  CB   sing N N 156 
LEU CA  HA   sing N N 157 
LEU C   O    doub N N 158 
LEU C   OXT  sing N N 159 
LEU CB  CG   sing N N 160 
LEU CB  HB2  sing N N 161 
LEU CB  HB3  sing N N 162 
LEU CG  CD1  sing N N 163 
LEU CG  CD2  sing N N 164 
LEU CG  HG   sing N N 165 
LEU CD1 HD11 sing N N 166 
LEU CD1 HD12 sing N N 167 
LEU CD1 HD13 sing N N 168 
LEU CD2 HD21 sing N N 169 
LEU CD2 HD22 sing N N 170 
LEU CD2 HD23 sing N N 171 
LEU OXT HXT  sing N N 172 
LYS N   CA   sing N N 173 
LYS N   H    sing N N 174 
LYS N   H2   sing N N 175 
LYS CA  C    sing N N 176 
LYS CA  CB   sing N N 177 
LYS CA  HA   sing N N 178 
LYS C   O    doub N N 179 
LYS C   OXT  sing N N 180 
LYS CB  CG   sing N N 181 
LYS CB  HB2  sing N N 182 
LYS CB  HB3  sing N N 183 
LYS CG  CD   sing N N 184 
LYS CG  HG2  sing N N 185 
LYS CG  HG3  sing N N 186 
LYS CD  CE   sing N N 187 
LYS CD  HD2  sing N N 188 
LYS CD  HD3  sing N N 189 
LYS CE  NZ   sing N N 190 
LYS CE  HE2  sing N N 191 
LYS CE  HE3  sing N N 192 
LYS NZ  HZ1  sing N N 193 
LYS NZ  HZ2  sing N N 194 
LYS NZ  HZ3  sing N N 195 
LYS OXT HXT  sing N N 196 
MET N   CA   sing N N 197 
MET N   H    sing N N 198 
MET N   H2   sing N N 199 
MET CA  C    sing N N 200 
MET CA  CB   sing N N 201 
MET CA  HA   sing N N 202 
MET C   O    doub N N 203 
MET C   OXT  sing N N 204 
MET CB  CG   sing N N 205 
MET CB  HB2  sing N N 206 
MET CB  HB3  sing N N 207 
MET CG  SD   sing N N 208 
MET CG  HG2  sing N N 209 
MET CG  HG3  sing N N 210 
MET SD  CE   sing N N 211 
MET CE  HE1  sing N N 212 
MET CE  HE2  sing N N 213 
MET CE  HE3  sing N N 214 
MET OXT HXT  sing N N 215 
PHE N   CA   sing N N 216 
PHE N   H    sing N N 217 
PHE N   H2   sing N N 218 
PHE CA  C    sing N N 219 
PHE CA  CB   sing N N 220 
PHE CA  HA   sing N N 221 
PHE C   O    doub N N 222 
PHE C   OXT  sing N N 223 
PHE CB  CG   sing N N 224 
PHE CB  HB2  sing N N 225 
PHE CB  HB3  sing N N 226 
PHE CG  CD1  doub Y N 227 
PHE CG  CD2  sing Y N 228 
PHE CD1 CE1  sing Y N 229 
PHE CD1 HD1  sing N N 230 
PHE CD2 CE2  doub Y N 231 
PHE CD2 HD2  sing N N 232 
PHE CE1 CZ   doub Y N 233 
PHE CE1 HE1  sing N N 234 
PHE CE2 CZ   sing Y N 235 
PHE CE2 HE2  sing N N 236 
PHE CZ  HZ   sing N N 237 
PHE OXT HXT  sing N N 238 
PRO N   CA   sing N N 239 
PRO N   CD   sing N N 240 
PRO N   H    sing N N 241 
PRO CA  C    sing N N 242 
PRO CA  CB   sing N N 243 
PRO CA  HA   sing N N 244 
PRO C   O    doub N N 245 
PRO C   OXT  sing N N 246 
PRO CB  CG   sing N N 247 
PRO CB  HB2  sing N N 248 
PRO CB  HB3  sing N N 249 
PRO CG  CD   sing N N 250 
PRO CG  HG2  sing N N 251 
PRO CG  HG3  sing N N 252 
PRO CD  HD2  sing N N 253 
PRO CD  HD3  sing N N 254 
PRO OXT HXT  sing N N 255 
SER N   CA   sing N N 256 
SER N   H    sing N N 257 
SER N   H2   sing N N 258 
SER CA  C    sing N N 259 
SER CA  CB   sing N N 260 
SER CA  HA   sing N N 261 
SER C   O    doub N N 262 
SER C   OXT  sing N N 263 
SER CB  OG   sing N N 264 
SER CB  HB2  sing N N 265 
SER CB  HB3  sing N N 266 
SER OG  HG   sing N N 267 
SER OXT HXT  sing N N 268 
THR N   CA   sing N N 269 
THR N   H    sing N N 270 
THR N   H2   sing N N 271 
THR CA  C    sing N N 272 
THR CA  CB   sing N N 273 
THR CA  HA   sing N N 274 
THR C   O    doub N N 275 
THR C   OXT  sing N N 276 
THR CB  OG1  sing N N 277 
THR CB  CG2  sing N N 278 
THR CB  HB   sing N N 279 
THR OG1 HG1  sing N N 280 
THR CG2 HG21 sing N N 281 
THR CG2 HG22 sing N N 282 
THR CG2 HG23 sing N N 283 
THR OXT HXT  sing N N 284 
TRP N   CA   sing N N 285 
TRP N   H    sing N N 286 
TRP N   H2   sing N N 287 
TRP CA  C    sing N N 288 
TRP CA  CB   sing N N 289 
TRP CA  HA   sing N N 290 
TRP C   O    doub N N 291 
TRP C   OXT  sing N N 292 
TRP CB  CG   sing N N 293 
TRP CB  HB2  sing N N 294 
TRP CB  HB3  sing N N 295 
TRP CG  CD1  doub Y N 296 
TRP CG  CD2  sing Y N 297 
TRP CD1 NE1  sing Y N 298 
TRP CD1 HD1  sing N N 299 
TRP CD2 CE2  doub Y N 300 
TRP CD2 CE3  sing Y N 301 
TRP NE1 CE2  sing Y N 302 
TRP NE1 HE1  sing N N 303 
TRP CE2 CZ2  sing Y N 304 
TRP CE3 CZ3  doub Y N 305 
TRP CE3 HE3  sing N N 306 
TRP CZ2 CH2  doub Y N 307 
TRP CZ2 HZ2  sing N N 308 
TRP CZ3 CH2  sing Y N 309 
TRP CZ3 HZ3  sing N N 310 
TRP CH2 HH2  sing N N 311 
TRP OXT HXT  sing N N 312 
TYR N   CA   sing N N 313 
TYR N   H    sing N N 314 
TYR N   H2   sing N N 315 
TYR CA  C    sing N N 316 
TYR CA  CB   sing N N 317 
TYR CA  HA   sing N N 318 
TYR C   O    doub N N 319 
TYR C   OXT  sing N N 320 
TYR CB  CG   sing N N 321 
TYR CB  HB2  sing N N 322 
TYR CB  HB3  sing N N 323 
TYR CG  CD1  doub Y N 324 
TYR CG  CD2  sing Y N 325 
TYR CD1 CE1  sing Y N 326 
TYR CD1 HD1  sing N N 327 
TYR CD2 CE2  doub Y N 328 
TYR CD2 HD2  sing N N 329 
TYR CE1 CZ   doub Y N 330 
TYR CE1 HE1  sing N N 331 
TYR CE2 CZ   sing Y N 332 
TYR CE2 HE2  sing N N 333 
TYR CZ  OH   sing N N 334 
TYR OH  HH   sing N N 335 
TYR OXT HXT  sing N N 336 
VAL N   CA   sing N N 337 
VAL N   H    sing N N 338 
VAL N   H2   sing N N 339 
VAL CA  C    sing N N 340 
VAL CA  CB   sing N N 341 
VAL CA  HA   sing N N 342 
VAL C   O    doub N N 343 
VAL C   OXT  sing N N 344 
VAL CB  CG1  sing N N 345 
VAL CB  CG2  sing N N 346 
VAL CB  HB   sing N N 347 
VAL CG1 HG11 sing N N 348 
VAL CG1 HG12 sing N N 349 
VAL CG1 HG13 sing N N 350 
VAL CG2 HG21 sing N N 351 
VAL CG2 HG22 sing N N 352 
VAL CG2 HG23 sing N N 353 
VAL OXT HXT  sing N N 354 
# 
_pdbx_entity_nonpoly.entity_id   2 
_pdbx_entity_nonpoly.name        water 
_pdbx_entity_nonpoly.comp_id     HOH 
# 
_pdbx_initial_refinement_model.id               1 
_pdbx_initial_refinement_model.entity_id_list   ? 
_pdbx_initial_refinement_model.type             'experimental model' 
_pdbx_initial_refinement_model.source_name      PDB 
_pdbx_initial_refinement_model.accession_code   1OOT 
_pdbx_initial_refinement_model.details          'PDB Entry: 1oot' 
# 
